data_6OH1
#
_entry.id   6OH1
#
_entity_poly.entity_id   1
_entity_poly.type   'polypeptide(L)'
_entity_poly.pdbx_seq_one_letter_code
;GSHNKPELLYREETIETKIDFQEEIQENPDLAEGTVRVKQEGKLGKKVEIVRIFSVNKEEVSREIVSTSTTAPSPRIVEK
GTKK
;
_entity_poly.pdbx_strand_id   A
#
# COMPACT_ATOMS: atom_id res chain seq x y z
N GLY A 1 -11.58 12.59 -5.97
CA GLY A 1 -11.40 11.65 -7.07
C GLY A 1 -9.92 11.50 -7.43
N SER A 2 -9.24 10.59 -6.73
CA SER A 2 -7.84 10.32 -6.99
C SER A 2 -7.63 9.71 -8.36
N HIS A 3 -6.74 10.30 -9.15
CA HIS A 3 -6.52 9.87 -10.52
C HIS A 3 -5.43 8.81 -10.60
N ASN A 4 -5.74 7.61 -10.15
CA ASN A 4 -4.79 6.51 -10.18
C ASN A 4 -5.51 5.16 -10.09
N LYS A 5 -4.73 4.09 -10.07
CA LYS A 5 -5.28 2.75 -9.93
C LYS A 5 -5.92 2.55 -8.56
N PRO A 6 -7.18 2.14 -8.56
CA PRO A 6 -7.92 1.91 -7.33
C PRO A 6 -7.18 0.93 -6.43
N GLU A 7 -7.08 1.26 -5.14
CA GLU A 7 -6.45 0.37 -4.18
C GLU A 7 -7.04 0.56 -2.78
N LEU A 8 -7.48 -0.54 -2.18
CA LEU A 8 -8.14 -0.49 -0.88
C LEU A 8 -7.13 -0.66 0.25
N LEU A 9 -7.00 0.39 1.07
CA LEU A 9 -6.07 0.36 2.19
C LEU A 9 -6.81 0.41 3.52
N TYR A 10 -6.26 -0.27 4.52
CA TYR A 10 -6.87 -0.31 5.85
C TYR A 10 -5.86 0.04 6.93
N ARG A 11 -5.63 1.34 7.11
CA ARG A 11 -4.62 1.81 8.05
C ARG A 11 -5.17 1.91 9.46
N GLU A 12 -4.71 1.01 10.33
CA GLU A 12 -5.15 0.99 11.72
C GLU A 12 -4.22 1.81 12.60
N GLU A 13 -4.80 2.57 13.53
CA GLU A 13 -4.03 3.41 14.43
C GLU A 13 -4.49 3.26 15.86
N THR A 14 -3.57 3.41 16.80
CA THR A 14 -3.89 3.31 18.22
C THR A 14 -3.70 4.64 18.93
N ILE A 15 -4.77 5.13 19.55
CA ILE A 15 -4.71 6.39 20.29
C ILE A 15 -4.66 6.14 21.80
N GLU A 16 -3.63 6.67 22.44
CA GLU A 16 -3.45 6.50 23.88
C GLU A 16 -3.36 7.83 24.59
N THR A 17 -4.35 8.11 25.43
CA THR A 17 -4.39 9.36 26.20
C THR A 17 -4.25 9.09 27.69
N LYS A 18 -3.23 9.67 28.30
CA LYS A 18 -2.99 9.50 29.73
C LYS A 18 -4.08 10.18 30.55
N ILE A 19 -4.53 9.51 31.60
CA ILE A 19 -5.62 10.01 32.43
C ILE A 19 -5.10 10.52 33.77
N ASP A 20 -5.37 11.79 34.06
CA ASP A 20 -4.92 12.40 35.29
C ASP A 20 -5.66 11.82 36.50
N PHE A 21 -5.04 11.95 37.67
CA PHE A 21 -5.64 11.43 38.91
C PHE A 21 -5.71 12.52 39.97
N GLN A 22 -6.56 12.30 40.98
CA GLN A 22 -6.77 13.28 42.03
C GLN A 22 -5.92 12.96 43.26
N GLU A 23 -5.74 13.95 44.12
CA GLU A 23 -4.97 13.77 45.35
C GLU A 23 -5.77 14.18 46.57
N GLU A 24 -5.67 13.40 47.64
CA GLU A 24 -6.37 13.69 48.88
C GLU A 24 -5.53 13.30 50.09
N ILE A 25 -5.45 14.20 51.07
CA ILE A 25 -4.74 13.92 52.31
C ILE A 25 -5.70 13.84 53.49
N GLN A 26 -5.63 12.73 54.22
CA GLN A 26 -6.53 12.49 55.34
C GLN A 26 -5.77 12.30 56.64
N GLU A 27 -6.41 12.63 57.76
CA GLU A 27 -5.78 12.51 59.07
C GLU A 27 -5.98 11.12 59.65
N ASN A 28 -4.99 10.65 60.41
CA ASN A 28 -5.06 9.33 61.03
C ASN A 28 -4.57 9.39 62.47
N PRO A 29 -5.52 9.42 63.41
CA PRO A 29 -5.19 9.53 64.82
C PRO A 29 -4.33 8.36 65.29
N ASP A 30 -4.44 7.25 64.58
CA ASP A 30 -3.75 6.02 64.97
C ASP A 30 -2.24 6.15 64.74
N LEU A 31 -1.85 7.11 63.91
CA LEU A 31 -0.44 7.38 63.66
C LEU A 31 0.06 8.54 64.53
N ALA A 32 1.35 8.50 64.86
CA ALA A 32 1.96 9.56 65.65
C ALA A 32 1.89 10.90 64.93
N GLU A 33 1.66 11.96 65.68
CA GLU A 33 1.46 13.29 65.10
C GLU A 33 2.61 13.65 64.17
N GLY A 34 2.27 13.93 62.91
CA GLY A 34 3.26 14.37 61.94
C GLY A 34 3.67 13.23 61.00
N THR A 35 3.25 12.02 61.36
CA THR A 35 3.59 10.84 60.57
C THR A 35 2.95 10.90 59.18
N VAL A 36 3.76 10.65 58.16
CA VAL A 36 3.27 10.61 56.79
C VAL A 36 3.31 9.19 56.23
N ARG A 37 2.16 8.68 55.82
CA ARG A 37 2.05 7.34 55.26
C ARG A 37 1.11 7.30 54.06
N VAL A 38 1.65 6.93 52.91
CA VAL A 38 0.86 6.87 51.68
C VAL A 38 -0.08 5.67 51.68
N LYS A 39 -1.38 5.96 51.55
CA LYS A 39 -2.38 4.90 51.53
C LYS A 39 -2.58 4.35 50.13
N GLN A 40 -2.61 5.24 49.14
CA GLN A 40 -2.77 4.84 47.75
C GLN A 40 -1.79 5.59 46.84
N GLU A 41 -1.01 4.85 46.08
CA GLU A 41 -0.01 5.44 45.20
C GLU A 41 -0.67 6.12 44.00
N GLY A 42 -0.23 7.34 43.70
CA GLY A 42 -0.75 8.09 42.56
C GLY A 42 -0.21 7.52 41.25
N LYS A 43 -1.12 7.10 40.37
CA LYS A 43 -0.74 6.60 39.07
C LYS A 43 -1.67 7.12 37.98
N LEU A 44 -1.11 7.40 36.80
CA LEU A 44 -1.89 7.84 35.66
C LEU A 44 -2.61 6.68 34.99
N GLY A 45 -3.78 6.94 34.45
CA GLY A 45 -4.51 5.95 33.66
C GLY A 45 -4.19 6.10 32.17
N LYS A 46 -5.02 5.49 31.33
CA LYS A 46 -4.85 5.58 29.88
C LYS A 46 -6.11 5.16 29.16
N LYS A 47 -6.59 6.03 28.27
CA LYS A 47 -7.71 5.70 27.39
C LYS A 47 -7.22 5.27 26.01
N VAL A 48 -7.50 4.02 25.66
CA VAL A 48 -7.03 3.45 24.40
C VAL A 48 -8.16 3.38 23.38
N GLU A 49 -7.94 3.98 22.21
CA GLU A 49 -8.89 3.91 21.12
C GLU A 49 -8.22 3.44 19.83
N ILE A 50 -8.58 2.25 19.37
CA ILE A 50 -8.03 1.70 18.14
C ILE A 50 -9.01 1.82 16.99
N VAL A 51 -8.57 2.48 15.92
CA VAL A 51 -9.45 2.76 14.78
C VAL A 51 -8.85 2.24 13.48
N ARG A 52 -9.70 2.03 12.49
CA ARG A 52 -9.25 1.62 11.16
C ARG A 52 -9.63 2.65 10.10
N ILE A 53 -8.63 3.08 9.33
CA ILE A 53 -8.85 4.10 8.31
C ILE A 53 -8.99 3.48 6.92
N PHE A 54 -10.17 3.61 6.34
CA PHE A 54 -10.44 3.06 5.02
C PHE A 54 -10.13 4.06 3.92
N SER A 55 -9.17 3.71 3.06
CA SER A 55 -8.81 4.57 1.93
C SER A 55 -8.87 3.80 0.62
N VAL A 56 -9.36 4.47 -0.42
CA VAL A 56 -9.46 3.86 -1.74
C VAL A 56 -8.76 4.71 -2.79
N ASN A 57 -7.79 4.12 -3.47
CA ASN A 57 -7.06 4.82 -4.52
C ASN A 57 -6.20 5.94 -3.94
N LYS A 58 -5.57 5.66 -2.80
CA LYS A 58 -4.82 6.68 -2.07
C LYS A 58 -5.69 7.87 -1.73
N GLU A 59 -6.92 7.60 -1.31
CA GLU A 59 -7.88 8.66 -0.99
C GLU A 59 -8.77 8.25 0.16
N GLU A 60 -8.66 8.97 1.28
CA GLU A 60 -9.38 8.61 2.50
C GLU A 60 -10.89 8.62 2.26
N VAL A 61 -11.54 7.53 2.66
CA VAL A 61 -12.98 7.41 2.47
C VAL A 61 -13.73 7.57 3.79
N SER A 62 -13.39 6.73 4.76
CA SER A 62 -14.07 6.72 6.05
C SER A 62 -13.26 6.00 7.10
N ARG A 63 -13.73 6.04 8.35
CA ARG A 63 -13.05 5.37 9.45
C ARG A 63 -14.03 4.59 10.32
N GLU A 64 -13.52 3.57 11.00
CA GLU A 64 -14.35 2.77 11.89
C GLU A 64 -13.55 2.31 13.11
N ILE A 65 -14.15 2.41 14.29
CA ILE A 65 -13.49 2.04 15.53
C ILE A 65 -13.36 0.53 15.66
N VAL A 66 -12.14 0.05 15.85
CA VAL A 66 -11.89 -1.38 15.98
C VAL A 66 -12.16 -1.86 17.40
N SER A 67 -11.57 -1.18 18.38
CA SER A 67 -11.69 -1.60 19.78
C SER A 67 -11.18 -0.50 20.71
N THR A 68 -11.85 -0.37 21.85
CA THR A 68 -11.45 0.62 22.85
C THR A 68 -11.23 -0.04 24.21
N SER A 69 -10.44 0.61 25.06
CA SER A 69 -10.20 0.12 26.42
C SER A 69 -9.63 1.22 27.31
N THR A 70 -10.29 1.47 28.43
CA THR A 70 -9.92 2.54 29.32
C THR A 70 -9.36 2.00 30.63
N THR A 71 -8.13 2.40 30.97
CA THR A 71 -7.54 2.06 32.25
C THR A 71 -7.75 3.18 33.26
N ALA A 72 -8.42 2.87 34.36
CA ALA A 72 -8.75 3.86 35.38
C ALA A 72 -7.49 4.36 36.09
N PRO A 73 -7.47 5.65 36.38
CA PRO A 73 -6.34 6.25 37.10
C PRO A 73 -6.38 5.88 38.58
N SER A 74 -5.29 6.14 39.28
CA SER A 74 -5.20 5.87 40.71
C SER A 74 -4.93 7.14 41.51
N PRO A 75 -5.99 7.74 42.04
CA PRO A 75 -5.86 8.91 42.89
C PRO A 75 -4.92 8.65 44.05
N ARG A 76 -4.11 9.65 44.39
CA ARG A 76 -3.11 9.51 45.44
C ARG A 76 -3.67 9.89 46.80
N ILE A 77 -3.59 8.97 47.75
CA ILE A 77 -4.11 9.20 49.10
C ILE A 77 -3.01 9.08 50.14
N VAL A 78 -2.84 10.14 50.94
CA VAL A 78 -1.80 10.18 51.95
C VAL A 78 -2.38 10.39 53.34
N GLU A 79 -1.93 9.59 54.30
CA GLU A 79 -2.38 9.72 55.68
C GLU A 79 -1.46 10.63 56.47
N LYS A 80 -2.06 11.41 57.39
CA LYS A 80 -1.29 12.30 58.25
C LYS A 80 -1.60 12.05 59.71
N GLY A 81 -0.59 11.61 60.46
CA GLY A 81 -0.77 11.27 61.87
C GLY A 81 -1.20 12.49 62.68
N THR A 82 -2.09 12.28 63.64
CA THR A 82 -2.58 13.35 64.48
C THR A 82 -2.99 12.84 65.86
N LYS A 83 -3.65 13.70 66.62
CA LYS A 83 -4.07 13.34 67.98
C LYS A 83 -5.52 13.72 68.22
N LYS A 84 -6.44 12.95 67.64
CA LYS A 84 -7.87 13.22 67.77
C LYS A 84 -8.62 11.99 68.22
N GLY A 1 -11.58 12.59 -5.97
CA GLY A 1 -11.40 11.65 -7.07
C GLY A 1 -9.92 11.50 -7.43
N SER A 2 -9.62 10.48 -8.22
CA SER A 2 -8.25 10.21 -8.64
C SER A 2 -7.84 11.14 -9.78
N HIS A 3 -6.55 11.12 -10.12
CA HIS A 3 -6.02 11.99 -11.16
C HIS A 3 -6.19 11.37 -12.54
N ASN A 4 -7.43 11.23 -12.98
CA ASN A 4 -7.73 10.63 -14.27
C ASN A 4 -9.12 11.03 -14.76
N LYS A 5 -9.50 10.53 -15.93
CA LYS A 5 -10.82 10.78 -16.48
C LYS A 5 -11.91 10.16 -15.61
N PRO A 6 -12.88 10.98 -15.21
CA PRO A 6 -14.00 10.49 -14.41
C PRO A 6 -14.69 9.31 -15.08
N GLU A 7 -15.02 8.29 -14.29
CA GLU A 7 -15.69 7.11 -14.81
C GLU A 7 -16.65 6.53 -13.78
N LEU A 8 -17.86 6.21 -14.22
CA LEU A 8 -18.90 5.70 -13.32
C LEU A 8 -18.81 4.19 -13.20
N LEU A 9 -18.50 3.73 -11.99
CA LEU A 9 -18.34 2.29 -11.73
C LEU A 9 -19.49 1.76 -10.88
N TYR A 10 -19.90 0.54 -11.16
CA TYR A 10 -21.00 -0.09 -10.42
C TYR A 10 -20.60 -1.47 -9.91
N ARG A 11 -19.89 -1.50 -8.79
CA ARG A 11 -19.34 -2.75 -8.26
C ARG A 11 -20.35 -3.48 -7.40
N GLU A 12 -20.90 -4.56 -7.94
CA GLU A 12 -21.86 -5.38 -7.20
C GLU A 12 -21.16 -6.48 -6.42
N GLU A 13 -21.43 -6.53 -5.12
CA GLU A 13 -20.82 -7.54 -4.25
C GLU A 13 -21.88 -8.39 -3.56
N THR A 14 -21.59 -9.67 -3.39
CA THR A 14 -22.52 -10.59 -2.75
C THR A 14 -22.01 -11.01 -1.37
N ILE A 15 -22.82 -10.76 -0.35
CA ILE A 15 -22.46 -11.11 1.02
C ILE A 15 -23.39 -12.18 1.58
N GLU A 16 -22.83 -13.36 1.85
CA GLU A 16 -23.60 -14.45 2.43
C GLU A 16 -23.23 -14.68 3.89
N THR A 17 -24.23 -14.60 4.77
CA THR A 17 -24.02 -14.86 6.19
C THR A 17 -24.62 -16.20 6.60
N LYS A 18 -23.81 -17.04 7.22
CA LYS A 18 -24.27 -18.34 7.70
C LYS A 18 -25.16 -18.19 8.92
N ILE A 19 -26.31 -18.87 8.91
CA ILE A 19 -27.27 -18.77 10.00
C ILE A 19 -27.21 -20.02 10.88
N ASP A 20 -26.99 -19.80 12.19
CA ASP A 20 -26.86 -20.89 13.13
C ASP A 20 -28.18 -21.65 13.29
N PHE A 21 -28.09 -22.87 13.80
CA PHE A 21 -29.26 -23.72 13.98
C PHE A 21 -29.23 -24.44 15.32
N GLN A 22 -30.39 -24.91 15.76
CA GLN A 22 -30.51 -25.56 17.06
C GLN A 22 -30.40 -27.07 16.94
N GLU A 23 -30.10 -27.73 18.06
CA GLU A 23 -29.97 -29.18 18.08
C GLU A 23 -30.89 -29.79 19.12
N GLU A 24 -31.46 -30.95 18.78
CA GLU A 24 -32.38 -31.64 19.67
C GLU A 24 -32.30 -33.15 19.49
N ILE A 25 -32.27 -33.88 20.60
CA ILE A 25 -32.32 -35.34 20.57
C ILE A 25 -33.60 -35.86 21.20
N GLN A 26 -34.33 -36.70 20.46
CA GLN A 26 -35.61 -37.21 20.92
C GLN A 26 -35.59 -38.73 21.02
N GLU A 27 -36.44 -39.26 21.90
CA GLU A 27 -36.51 -40.71 22.11
C GLU A 27 -37.51 -41.35 21.15
N ASN A 28 -37.22 -42.58 20.75
CA ASN A 28 -38.10 -43.32 19.85
C ASN A 28 -38.21 -44.78 20.26
N PRO A 29 -39.35 -45.15 20.84
CA PRO A 29 -39.54 -46.49 21.38
C PRO A 29 -39.75 -47.51 20.27
N ASP A 30 -39.97 -47.02 19.06
CA ASP A 30 -40.14 -47.88 17.90
C ASP A 30 -38.80 -48.41 17.40
N LEU A 31 -37.72 -47.81 17.88
CA LEU A 31 -36.38 -48.28 17.55
C LEU A 31 -35.78 -49.08 18.70
N ALA A 32 -34.86 -49.98 18.36
CA ALA A 32 -34.17 -50.77 19.37
C ALA A 32 -33.33 -49.90 20.29
N GLU A 33 -33.31 -50.25 21.57
CA GLU A 33 -32.62 -49.43 22.57
C GLU A 33 -31.18 -49.16 22.17
N GLY A 34 -30.83 -47.88 22.06
CA GLY A 34 -29.47 -47.48 21.76
C GLY A 34 -29.32 -47.08 20.29
N THR A 35 -30.36 -47.36 19.51
CA THR A 35 -30.34 -47.04 18.08
C THR A 35 -30.27 -45.54 17.84
N VAL A 36 -29.35 -45.13 16.98
CA VAL A 36 -29.22 -43.72 16.62
C VAL A 36 -29.65 -43.50 15.16
N ARG A 37 -30.65 -42.64 14.97
CA ARG A 37 -31.14 -42.33 13.63
C ARG A 37 -31.43 -40.85 13.49
N VAL A 38 -30.73 -40.19 12.55
CA VAL A 38 -30.89 -38.76 12.33
C VAL A 38 -32.21 -38.46 11.63
N LYS A 39 -33.04 -37.63 12.27
CA LYS A 39 -34.33 -37.26 11.70
C LYS A 39 -34.20 -36.05 10.78
N GLN A 40 -33.39 -35.09 11.20
CA GLN A 40 -33.15 -33.89 10.40
C GLN A 40 -31.68 -33.48 10.45
N GLU A 41 -31.07 -33.36 9.28
CA GLU A 41 -29.65 -33.01 9.19
C GLU A 41 -29.42 -31.55 9.54
N GLY A 42 -28.41 -31.31 10.37
CA GLY A 42 -28.06 -29.94 10.76
C GLY A 42 -27.38 -29.20 9.61
N LYS A 43 -27.96 -28.07 9.20
CA LYS A 43 -27.39 -27.26 8.14
C LYS A 43 -27.48 -25.78 8.48
N LEU A 44 -26.45 -25.02 8.11
CA LEU A 44 -26.45 -23.57 8.29
C LEU A 44 -27.29 -22.89 7.22
N GLY A 45 -27.95 -21.80 7.59
CA GLY A 45 -28.71 -21.00 6.64
C GLY A 45 -27.81 -20.07 5.84
N LYS A 46 -28.40 -19.34 4.90
CA LYS A 46 -27.64 -18.50 3.99
C LYS A 46 -28.34 -17.18 3.74
N LYS A 47 -27.97 -16.16 4.52
CA LYS A 47 -28.53 -14.83 4.35
C LYS A 47 -27.73 -14.03 3.32
N VAL A 48 -28.24 -14.00 2.09
CA VAL A 48 -27.51 -13.39 0.98
C VAL A 48 -27.97 -11.96 0.74
N GLU A 49 -27.03 -11.03 0.73
CA GLU A 49 -27.32 -9.64 0.41
C GLU A 49 -26.41 -9.12 -0.71
N ILE A 50 -27.02 -8.76 -1.84
CA ILE A 50 -26.28 -8.24 -2.96
C ILE A 50 -26.41 -6.72 -3.07
N VAL A 51 -25.28 -6.03 -3.02
CA VAL A 51 -25.27 -4.57 -2.99
C VAL A 51 -24.44 -3.99 -4.12
N ARG A 52 -24.98 -3.00 -4.81
CA ARG A 52 -24.25 -2.31 -5.86
C ARG A 52 -23.55 -1.07 -5.32
N ILE A 53 -22.25 -0.99 -5.53
CA ILE A 53 -21.46 0.13 -5.04
C ILE A 53 -21.14 1.12 -6.15
N PHE A 54 -21.65 2.34 -6.01
CA PHE A 54 -21.46 3.38 -7.02
C PHE A 54 -20.23 4.22 -6.71
N SER A 55 -19.33 4.31 -7.68
CA SER A 55 -18.10 5.07 -7.52
C SER A 55 -17.75 5.84 -8.78
N VAL A 56 -17.23 7.06 -8.61
CA VAL A 56 -16.87 7.91 -9.74
C VAL A 56 -15.41 8.34 -9.66
N ASN A 57 -14.64 8.01 -10.68
CA ASN A 57 -13.22 8.37 -10.73
C ASN A 57 -12.46 7.78 -9.55
N LYS A 58 -12.76 6.52 -9.25
CA LYS A 58 -12.16 5.85 -8.10
C LYS A 58 -12.48 6.60 -6.80
N GLU A 59 -13.75 6.95 -6.63
CA GLU A 59 -14.20 7.57 -5.39
C GLU A 59 -15.62 7.13 -5.04
N GLU A 60 -15.75 6.42 -3.92
CA GLU A 60 -17.04 5.87 -3.51
C GLU A 60 -18.07 6.98 -3.31
N VAL A 61 -19.22 6.83 -3.95
CA VAL A 61 -20.28 7.83 -3.87
C VAL A 61 -21.42 7.36 -3.00
N SER A 62 -21.99 6.20 -3.35
CA SER A 62 -23.14 5.66 -2.63
C SER A 62 -23.34 4.18 -2.94
N ARG A 63 -24.29 3.56 -2.24
CA ARG A 63 -24.58 2.15 -2.44
C ARG A 63 -26.09 1.91 -2.54
N GLU A 64 -26.47 0.84 -3.24
CA GLU A 64 -27.86 0.47 -3.37
C GLU A 64 -28.02 -1.05 -3.43
N ILE A 65 -28.94 -1.58 -2.63
CA ILE A 65 -29.16 -3.02 -2.56
C ILE A 65 -29.81 -3.54 -3.84
N VAL A 66 -29.16 -4.50 -4.49
CA VAL A 66 -29.67 -5.09 -5.71
C VAL A 66 -30.76 -6.11 -5.42
N SER A 67 -30.46 -7.05 -4.53
CA SER A 67 -31.38 -8.14 -4.22
C SER A 67 -30.93 -8.91 -2.99
N THR A 68 -31.90 -9.37 -2.20
CA THR A 68 -31.61 -10.16 -1.02
C THR A 68 -32.37 -11.48 -1.04
N SER A 69 -31.82 -12.49 -0.36
CA SER A 69 -32.47 -13.79 -0.24
C SER A 69 -31.89 -14.60 0.90
N THR A 70 -32.76 -15.01 1.82
CA THR A 70 -32.32 -15.72 3.02
C THR A 70 -32.79 -17.16 3.02
N THR A 71 -31.85 -18.10 3.08
CA THR A 71 -32.18 -19.51 3.24
C THR A 71 -32.26 -19.90 4.72
N ALA A 72 -33.39 -20.47 5.11
CA ALA A 72 -33.60 -20.84 6.51
C ALA A 72 -32.65 -21.96 6.93
N PRO A 73 -32.19 -21.88 8.18
CA PRO A 73 -31.32 -22.91 8.73
C PRO A 73 -32.08 -24.18 9.03
N SER A 74 -31.34 -25.27 9.22
CA SER A 74 -31.95 -26.57 9.49
C SER A 74 -31.46 -27.14 10.83
N PRO A 75 -32.27 -26.97 11.87
CA PRO A 75 -31.97 -27.55 13.17
C PRO A 75 -31.75 -29.06 13.06
N ARG A 76 -30.80 -29.56 13.86
CA ARG A 76 -30.42 -30.96 13.79
C ARG A 76 -31.22 -31.79 14.79
N ILE A 77 -31.93 -32.80 14.28
CA ILE A 77 -32.76 -33.65 15.13
C ILE A 77 -32.34 -35.11 15.02
N VAL A 78 -32.03 -35.73 16.15
CA VAL A 78 -31.60 -37.11 16.17
C VAL A 78 -32.50 -37.96 17.08
N GLU A 79 -32.90 -39.12 16.57
CA GLU A 79 -33.73 -40.04 17.34
C GLU A 79 -32.88 -41.03 18.11
N LYS A 80 -33.34 -41.39 19.32
CA LYS A 80 -32.64 -42.37 20.14
C LYS A 80 -33.56 -43.50 20.55
N GLY A 81 -33.22 -44.71 20.13
CA GLY A 81 -34.05 -45.88 20.39
C GLY A 81 -34.15 -46.15 21.89
N THR A 82 -35.34 -46.55 22.34
CA THR A 82 -35.57 -46.84 23.74
C THR A 82 -36.66 -47.89 23.92
N LYS A 83 -37.10 -48.08 25.17
CA LYS A 83 -38.12 -49.07 25.47
C LYS A 83 -39.21 -48.49 26.35
N LYS A 84 -40.08 -47.67 25.75
CA LYS A 84 -41.17 -47.04 26.49
C LYS A 84 -42.51 -47.27 25.81
N GLY A 1 -11.58 12.59 -5.97
CA GLY A 1 -11.40 11.65 -7.07
C GLY A 1 -9.92 11.50 -7.43
N SER A 2 -9.64 10.59 -8.35
CA SER A 2 -8.26 10.30 -8.74
C SER A 2 -7.95 10.88 -10.11
N HIS A 3 -6.74 10.64 -10.59
CA HIS A 3 -6.29 11.18 -11.87
C HIS A 3 -6.94 10.44 -13.03
N ASN A 4 -7.65 9.37 -12.72
CA ASN A 4 -8.33 8.56 -13.73
C ASN A 4 -9.74 9.07 -13.97
N LYS A 5 -10.11 10.14 -13.29
CA LYS A 5 -11.41 10.78 -13.49
C LYS A 5 -11.34 11.84 -14.57
N PRO A 6 -12.48 12.09 -15.22
CA PRO A 6 -12.53 13.04 -16.33
C PRO A 6 -12.57 14.48 -15.81
N GLU A 7 -11.45 14.93 -15.26
CA GLU A 7 -11.32 16.31 -14.81
C GLU A 7 -9.88 16.80 -14.94
N LEU A 8 -9.72 18.01 -15.46
CA LEU A 8 -8.39 18.60 -15.62
C LEU A 8 -8.31 19.94 -14.93
N LEU A 9 -8.38 19.94 -13.60
CA LEU A 9 -8.30 21.17 -12.82
C LEU A 9 -6.90 21.37 -12.24
N TYR A 10 -6.20 22.37 -12.76
CA TYR A 10 -4.84 22.66 -12.32
C TYR A 10 -4.74 24.05 -11.71
N ARG A 11 -4.66 24.10 -10.38
CA ARG A 11 -4.56 25.38 -9.68
C ARG A 11 -3.12 25.83 -9.55
N GLU A 12 -2.74 26.80 -10.37
CA GLU A 12 -1.36 27.30 -10.39
C GLU A 12 -1.29 28.72 -9.83
N GLU A 13 -0.50 28.88 -8.77
CA GLU A 13 -0.38 30.19 -8.11
C GLU A 13 1.08 30.58 -7.93
N THR A 14 1.36 31.87 -8.00
CA THR A 14 2.70 32.38 -7.78
C THR A 14 2.88 32.87 -6.35
N ILE A 15 3.82 32.26 -5.64
CA ILE A 15 4.13 32.66 -4.26
C ILE A 15 5.32 33.60 -4.22
N GLU A 16 5.12 34.79 -3.64
CA GLU A 16 6.19 35.77 -3.52
C GLU A 16 6.36 36.21 -2.07
N THR A 17 7.52 35.88 -1.51
CA THR A 17 7.82 36.24 -0.13
C THR A 17 8.98 37.23 -0.06
N LYS A 18 8.72 38.41 0.50
CA LYS A 18 9.75 39.44 0.61
C LYS A 18 10.83 39.04 1.59
N ILE A 19 12.08 39.40 1.29
CA ILE A 19 13.22 39.03 2.11
C ILE A 19 13.84 40.25 2.77
N ASP A 20 13.90 40.24 4.10
CA ASP A 20 14.46 41.35 4.85
C ASP A 20 15.97 41.47 4.63
N PHE A 21 16.50 42.65 4.85
CA PHE A 21 17.93 42.90 4.68
C PHE A 21 18.55 43.47 5.95
N GLN A 22 19.87 43.37 6.05
CA GLN A 22 20.59 43.83 7.23
C GLN A 22 21.15 45.24 7.04
N GLU A 23 21.49 45.89 8.13
CA GLU A 23 22.04 47.24 8.09
C GLU A 23 23.36 47.32 8.84
N GLU A 24 24.33 48.02 8.27
CA GLU A 24 25.63 48.19 8.90
C GLU A 24 26.20 49.58 8.63
N ILE A 25 26.70 50.23 9.67
CA ILE A 25 27.33 51.53 9.54
C ILE A 25 28.82 51.47 9.84
N GLN A 26 29.63 51.94 8.89
CA GLN A 26 31.09 51.89 9.02
C GLN A 26 31.69 53.27 8.95
N GLU A 27 32.84 53.43 9.60
CA GLU A 27 33.54 54.73 9.63
C GLU A 27 34.46 54.88 8.43
N ASN A 28 34.60 56.11 7.95
CA ASN A 28 35.45 56.39 6.81
C ASN A 28 36.33 57.61 7.05
N PRO A 29 37.60 57.36 7.37
CA PRO A 29 38.53 58.44 7.71
C PRO A 29 38.68 59.41 6.54
N ASP A 30 38.43 58.92 5.33
CA ASP A 30 38.63 59.72 4.13
C ASP A 30 37.57 60.82 4.01
N LEU A 31 36.47 60.66 4.73
CA LEU A 31 35.42 61.66 4.75
C LEU A 31 35.54 62.57 5.96
N ALA A 32 35.08 63.81 5.82
CA ALA A 32 35.10 64.76 6.91
C ALA A 32 34.22 64.29 8.07
N GLU A 33 34.68 64.53 9.29
CA GLU A 33 34.00 64.03 10.49
C GLU A 33 32.53 64.43 10.47
N GLY A 34 31.66 63.43 10.54
CA GLY A 34 30.22 63.68 10.63
C GLY A 34 29.55 63.45 9.28
N THR A 35 30.36 63.32 8.23
CA THR A 35 29.84 63.12 6.88
C THR A 35 29.09 61.81 6.77
N VAL A 36 27.89 61.86 6.20
CA VAL A 36 27.10 60.65 5.98
C VAL A 36 26.98 60.34 4.49
N ARG A 37 27.43 59.16 4.10
CA ARG A 37 27.36 58.74 2.69
C ARG A 37 26.97 57.28 2.58
N VAL A 38 25.85 57.02 1.91
CA VAL A 38 25.35 55.66 1.75
C VAL A 38 26.18 54.88 0.73
N LYS A 39 26.74 53.76 1.16
CA LYS A 39 27.55 52.93 0.29
C LYS A 39 26.69 51.94 -0.49
N GLN A 40 25.71 51.35 0.19
CA GLN A 40 24.81 50.41 -0.45
C GLN A 40 23.37 50.65 -0.02
N GLU A 41 22.49 50.84 -1.01
CA GLU A 41 21.09 51.13 -0.74
C GLU A 41 20.37 49.89 -0.21
N GLY A 42 19.60 50.07 0.85
CA GLY A 42 18.83 48.98 1.43
C GLY A 42 17.62 48.63 0.56
N LYS A 43 17.55 47.38 0.12
CA LYS A 43 16.43 46.90 -0.68
C LYS A 43 15.98 45.52 -0.24
N LEU A 44 14.68 45.29 -0.26
CA LEU A 44 14.12 43.98 0.08
C LEU A 44 14.29 43.00 -1.07
N GLY A 45 14.49 41.73 -0.74
CA GLY A 45 14.54 40.68 -1.74
C GLY A 45 13.16 40.05 -1.95
N LYS A 46 13.13 38.89 -2.61
CA LYS A 46 11.87 38.20 -2.87
C LYS A 46 12.13 36.78 -3.34
N LYS A 47 11.52 35.81 -2.64
CA LYS A 47 11.57 34.42 -3.06
C LYS A 47 10.33 34.04 -3.85
N VAL A 48 10.53 33.66 -5.11
CA VAL A 48 9.42 33.29 -5.98
C VAL A 48 9.27 31.77 -6.06
N GLU A 49 8.06 31.29 -5.83
CA GLU A 49 7.75 29.87 -5.94
C GLU A 49 6.40 29.64 -6.58
N ILE A 50 6.41 29.16 -7.83
CA ILE A 50 5.17 28.90 -8.56
C ILE A 50 4.81 27.43 -8.52
N VAL A 51 3.65 27.13 -7.96
CA VAL A 51 3.23 25.75 -7.74
C VAL A 51 1.91 25.45 -8.46
N ARG A 52 1.87 24.33 -9.16
CA ARG A 52 0.65 23.89 -9.83
C ARG A 52 0.05 22.67 -9.14
N ILE A 53 -1.21 22.79 -8.72
CA ILE A 53 -1.86 21.73 -7.96
C ILE A 53 -2.99 21.09 -8.77
N PHE A 54 -2.84 19.81 -9.06
CA PHE A 54 -3.87 19.04 -9.74
C PHE A 54 -4.89 18.50 -8.75
N SER A 55 -6.15 18.90 -8.90
CA SER A 55 -7.21 18.49 -7.99
C SER A 55 -8.40 17.90 -8.75
N VAL A 56 -8.98 16.86 -8.18
CA VAL A 56 -10.15 16.22 -8.78
C VAL A 56 -11.29 16.07 -7.76
N ASN A 57 -12.45 16.61 -8.11
CA ASN A 57 -13.59 16.63 -7.20
C ASN A 57 -13.23 17.30 -5.88
N LYS A 58 -12.54 18.44 -5.98
CA LYS A 58 -12.10 19.16 -4.79
C LYS A 58 -11.24 18.30 -3.89
N GLU A 59 -10.27 17.61 -4.49
CA GLU A 59 -9.37 16.75 -3.73
C GLU A 59 -7.97 16.75 -4.34
N GLU A 60 -6.96 17.00 -3.52
CA GLU A 60 -5.58 17.03 -3.98
C GLU A 60 -5.17 15.68 -4.55
N VAL A 61 -4.69 15.68 -5.78
CA VAL A 61 -4.19 14.46 -6.41
C VAL A 61 -2.67 14.50 -6.55
N SER A 62 -2.17 15.56 -7.17
CA SER A 62 -0.73 15.72 -7.38
C SER A 62 -0.36 17.17 -7.63
N ARG A 63 0.78 17.59 -7.08
CA ARG A 63 1.23 18.96 -7.23
C ARG A 63 2.75 19.04 -7.31
N GLU A 64 3.25 20.07 -7.99
CA GLU A 64 4.69 20.25 -8.15
C GLU A 64 5.03 21.72 -8.41
N ILE A 65 6.30 22.07 -8.23
CA ILE A 65 6.77 23.42 -8.49
C ILE A 65 7.03 23.63 -9.98
N VAL A 66 6.32 24.59 -10.57
CA VAL A 66 6.50 24.92 -11.97
C VAL A 66 7.78 25.72 -12.20
N SER A 67 7.99 26.74 -11.39
CA SER A 67 9.15 27.60 -11.51
C SER A 67 9.45 28.32 -10.20
N THR A 68 10.74 28.57 -9.95
CA THR A 68 11.16 29.22 -8.72
C THR A 68 12.41 30.06 -8.94
N SER A 69 12.54 31.14 -8.18
CA SER A 69 13.68 32.03 -8.30
C SER A 69 13.80 32.93 -7.06
N THR A 70 14.96 32.87 -6.41
CA THR A 70 15.19 33.65 -5.20
C THR A 70 16.00 34.91 -5.51
N THR A 71 15.40 36.06 -5.23
CA THR A 71 16.09 37.34 -5.38
C THR A 71 16.73 37.77 -4.07
N ALA A 72 18.05 37.89 -4.06
CA ALA A 72 18.79 38.24 -2.85
C ALA A 72 18.50 39.67 -2.42
N PRO A 73 18.42 39.88 -1.11
CA PRO A 73 18.19 41.21 -0.56
C PRO A 73 19.46 42.06 -0.65
N SER A 74 19.31 43.36 -0.42
CA SER A 74 20.44 44.28 -0.43
C SER A 74 20.60 44.97 0.92
N PRO A 75 21.49 44.43 1.75
CA PRO A 75 21.80 45.04 3.03
C PRO A 75 22.23 46.50 2.86
N ARG A 76 21.79 47.35 3.78
CA ARG A 76 22.08 48.78 3.69
C ARG A 76 23.38 49.12 4.41
N ILE A 77 24.30 49.76 3.69
CA ILE A 77 25.59 50.14 4.25
C ILE A 77 25.80 51.63 4.17
N VAL A 78 26.08 52.25 5.32
CA VAL A 78 26.27 53.69 5.40
C VAL A 78 27.64 54.04 5.96
N GLU A 79 28.33 54.97 5.30
CA GLU A 79 29.64 55.42 5.74
C GLU A 79 29.52 56.63 6.65
N LYS A 80 30.38 56.70 7.66
CA LYS A 80 30.40 57.83 8.58
C LYS A 80 31.79 58.44 8.68
N GLY A 81 31.92 59.70 8.25
CA GLY A 81 33.21 60.36 8.20
C GLY A 81 33.81 60.48 9.60
N THR A 82 35.12 60.30 9.70
CA THR A 82 35.82 60.37 10.97
C THR A 82 37.26 60.83 10.79
N LYS A 83 38.06 60.69 11.84
CA LYS A 83 39.45 61.12 11.81
C LYS A 83 40.34 60.13 12.57
N LYS A 84 40.99 59.24 11.83
CA LYS A 84 41.84 58.22 12.44
C LYS A 84 42.77 57.60 11.40
N GLY A 1 -11.58 12.59 -5.97
CA GLY A 1 -11.40 11.65 -7.07
C GLY A 1 -9.92 11.50 -7.43
N SER A 2 -9.58 10.35 -7.98
CA SER A 2 -8.20 10.07 -8.38
C SER A 2 -7.77 10.96 -9.53
N HIS A 3 -6.57 11.52 -9.43
CA HIS A 3 -6.08 12.49 -10.40
C HIS A 3 -5.42 11.81 -11.59
N ASN A 4 -6.23 11.11 -12.39
CA ASN A 4 -5.73 10.43 -13.58
C ASN A 4 -6.84 10.24 -14.60
N LYS A 5 -6.48 9.66 -15.74
CA LYS A 5 -7.46 9.37 -16.79
C LYS A 5 -8.48 8.34 -16.33
N PRO A 6 -9.76 8.66 -16.50
CA PRO A 6 -10.83 7.76 -16.09
C PRO A 6 -11.01 6.63 -17.11
N GLU A 7 -9.98 5.82 -17.27
CA GLU A 7 -10.05 4.69 -18.19
C GLU A 7 -10.07 3.36 -17.44
N LEU A 8 -11.26 2.79 -17.28
CA LEU A 8 -11.42 1.57 -16.49
C LEU A 8 -11.14 0.34 -17.33
N LEU A 9 -10.10 -0.39 -16.96
CA LEU A 9 -9.69 -1.58 -17.70
C LEU A 9 -9.82 -2.83 -16.85
N TYR A 10 -10.15 -3.95 -17.49
CA TYR A 10 -10.29 -5.22 -16.79
C TYR A 10 -9.50 -6.32 -17.51
N ARG A 11 -8.75 -7.11 -16.73
CA ARG A 11 -7.97 -8.20 -17.27
C ARG A 11 -8.18 -9.49 -16.47
N GLU A 12 -8.99 -10.38 -17.02
CA GLU A 12 -9.27 -11.66 -16.37
C GLU A 12 -8.20 -12.69 -16.69
N GLU A 13 -7.36 -12.98 -15.70
CA GLU A 13 -6.25 -13.91 -15.89
C GLU A 13 -6.60 -15.31 -15.39
N THR A 14 -6.51 -16.29 -16.27
CA THR A 14 -6.76 -17.68 -15.92
C THR A 14 -5.50 -18.37 -15.42
N ILE A 15 -5.52 -18.82 -14.18
CA ILE A 15 -4.36 -19.48 -13.58
C ILE A 15 -4.60 -20.97 -13.42
N GLU A 16 -3.74 -21.77 -14.04
CA GLU A 16 -3.84 -23.23 -13.93
C GLU A 16 -2.52 -23.83 -13.47
N THR A 17 -2.54 -24.45 -12.30
CA THR A 17 -1.35 -25.08 -11.74
C THR A 17 -1.55 -26.58 -11.56
N LYS A 18 -0.77 -27.37 -12.28
CA LYS A 18 -0.88 -28.83 -12.23
C LYS A 18 -0.42 -29.36 -10.88
N ILE A 19 -1.08 -30.41 -10.40
CA ILE A 19 -0.80 -30.97 -9.09
C ILE A 19 -0.29 -32.41 -9.20
N ASP A 20 0.86 -32.68 -8.57
CA ASP A 20 1.48 -33.99 -8.66
C ASP A 20 0.92 -34.94 -7.60
N PHE A 21 1.47 -36.14 -7.54
CA PHE A 21 0.98 -37.16 -6.60
C PHE A 21 2.10 -38.10 -6.20
N GLN A 22 1.90 -38.81 -5.09
CA GLN A 22 2.90 -39.74 -4.58
C GLN A 22 2.55 -41.17 -4.97
N GLU A 23 3.54 -42.06 -4.91
CA GLU A 23 3.34 -43.47 -5.22
C GLU A 23 3.65 -44.35 -4.02
N GLU A 24 2.81 -45.35 -3.79
CA GLU A 24 3.02 -46.28 -2.68
C GLU A 24 2.85 -47.72 -3.14
N ILE A 25 3.87 -48.54 -2.89
CA ILE A 25 3.81 -49.96 -3.21
C ILE A 25 3.62 -50.81 -1.97
N GLN A 26 2.58 -51.64 -1.97
CA GLN A 26 2.21 -52.40 -0.78
C GLN A 26 2.31 -53.90 -1.05
N GLU A 27 2.65 -54.66 -0.01
CA GLU A 27 2.74 -56.12 -0.12
C GLU A 27 1.37 -56.77 -0.04
N ASN A 28 1.09 -57.66 -0.98
CA ASN A 28 -0.17 -58.39 -1.00
C ASN A 28 0.06 -59.89 -1.02
N PRO A 29 -0.15 -60.53 0.13
CA PRO A 29 0.06 -61.97 0.25
C PRO A 29 -0.78 -62.74 -0.77
N ASP A 30 -1.91 -62.16 -1.15
CA ASP A 30 -2.85 -62.83 -2.04
C ASP A 30 -2.27 -62.99 -3.43
N LEU A 31 -1.28 -62.17 -3.76
CA LEU A 31 -0.63 -62.22 -5.06
C LEU A 31 0.66 -63.02 -5.00
N ALA A 32 0.93 -63.80 -6.06
CA ALA A 32 2.13 -64.62 -6.13
C ALA A 32 3.37 -63.76 -6.32
N GLU A 33 4.49 -64.22 -5.76
CA GLU A 33 5.73 -63.46 -5.81
C GLU A 33 6.05 -63.01 -7.23
N GLY A 34 6.23 -61.71 -7.41
CA GLY A 34 6.57 -61.15 -8.71
C GLY A 34 5.37 -60.51 -9.37
N THR A 35 4.17 -60.85 -8.89
CA THR A 35 2.94 -60.32 -9.46
C THR A 35 2.77 -58.84 -9.16
N VAL A 36 2.44 -58.07 -10.19
CA VAL A 36 2.18 -56.65 -10.01
C VAL A 36 0.75 -56.29 -10.41
N ARG A 37 0.03 -55.66 -9.49
CA ARG A 37 -1.34 -55.25 -9.76
C ARG A 37 -1.62 -53.86 -9.19
N VAL A 38 -1.98 -52.93 -10.07
CA VAL A 38 -2.23 -51.55 -9.65
C VAL A 38 -3.57 -51.43 -8.94
N LYS A 39 -3.53 -50.90 -7.72
CA LYS A 39 -4.75 -50.72 -6.93
C LYS A 39 -5.42 -49.39 -7.24
N GLN A 40 -4.63 -48.31 -7.22
CA GLN A 40 -5.13 -46.99 -7.53
C GLN A 40 -4.32 -46.33 -8.64
N GLU A 41 -5.00 -45.91 -9.70
CA GLU A 41 -4.33 -45.31 -10.85
C GLU A 41 -3.79 -43.93 -10.51
N GLY A 42 -2.53 -43.69 -10.86
CA GLY A 42 -1.91 -42.39 -10.65
C GLY A 42 -2.44 -41.36 -11.64
N LYS A 43 -2.97 -40.26 -11.12
CA LYS A 43 -3.49 -39.19 -11.95
C LYS A 43 -3.06 -37.82 -11.44
N LEU A 44 -2.83 -36.89 -12.35
CA LEU A 44 -2.46 -35.52 -11.98
C LEU A 44 -3.69 -34.67 -11.72
N GLY A 45 -3.55 -33.71 -10.82
CA GLY A 45 -4.61 -32.73 -10.57
C GLY A 45 -4.29 -31.39 -11.22
N LYS A 46 -5.07 -30.38 -10.86
CA LYS A 46 -4.85 -29.03 -11.39
C LYS A 46 -5.72 -28.01 -10.68
N LYS A 47 -5.09 -27.02 -10.07
CA LYS A 47 -5.80 -25.92 -9.44
C LYS A 47 -6.12 -24.82 -10.45
N VAL A 48 -7.40 -24.49 -10.58
CA VAL A 48 -7.84 -23.48 -11.52
C VAL A 48 -8.43 -22.27 -10.81
N GLU A 49 -7.90 -21.09 -11.12
CA GLU A 49 -8.38 -19.85 -10.52
C GLU A 49 -8.32 -18.70 -11.53
N ILE A 50 -9.46 -18.05 -11.75
CA ILE A 50 -9.53 -16.91 -12.64
C ILE A 50 -9.74 -15.61 -11.87
N VAL A 51 -8.83 -14.67 -12.05
CA VAL A 51 -8.86 -13.41 -11.30
C VAL A 51 -9.04 -12.22 -12.22
N ARG A 52 -10.06 -11.41 -11.95
CA ARG A 52 -10.31 -10.22 -12.73
C ARG A 52 -9.55 -9.02 -12.19
N ILE A 53 -8.53 -8.58 -12.92
CA ILE A 53 -7.70 -7.46 -12.50
C ILE A 53 -8.29 -6.14 -12.95
N PHE A 54 -8.59 -5.27 -11.99
CA PHE A 54 -9.17 -3.96 -12.29
C PHE A 54 -8.11 -2.86 -12.17
N SER A 55 -8.00 -2.04 -13.21
CA SER A 55 -7.04 -0.95 -13.21
C SER A 55 -7.63 0.29 -13.87
N VAL A 56 -7.11 1.46 -13.50
CA VAL A 56 -7.52 2.72 -14.11
C VAL A 56 -6.33 3.52 -14.60
N ASN A 57 -6.32 3.84 -15.89
CA ASN A 57 -5.17 4.47 -16.51
C ASN A 57 -3.92 3.61 -16.38
N LYS A 58 -4.09 2.30 -16.57
CA LYS A 58 -2.99 1.36 -16.45
C LYS A 58 -2.40 1.38 -15.04
N GLU A 59 -3.25 1.62 -14.05
CA GLU A 59 -2.84 1.58 -12.66
C GLU A 59 -3.71 0.63 -11.84
N GLU A 60 -3.10 -0.41 -11.32
CA GLU A 60 -3.84 -1.47 -10.62
C GLU A 60 -4.61 -0.90 -9.44
N VAL A 61 -5.91 -1.19 -9.40
CA VAL A 61 -6.76 -0.70 -8.32
C VAL A 61 -7.17 -1.84 -7.38
N SER A 62 -7.76 -2.88 -7.96
CA SER A 62 -8.25 -4.00 -7.17
C SER A 62 -8.42 -5.25 -8.03
N ARG A 63 -8.85 -6.34 -7.41
CA ARG A 63 -9.06 -7.60 -8.12
C ARG A 63 -10.35 -8.27 -7.67
N GLU A 64 -10.99 -8.97 -8.61
CA GLU A 64 -12.23 -9.68 -8.30
C GLU A 64 -12.10 -11.17 -8.61
N ILE A 65 -12.81 -11.99 -7.83
CA ILE A 65 -12.82 -13.44 -8.06
C ILE A 65 -13.84 -13.81 -9.12
N VAL A 66 -13.37 -14.51 -10.16
CA VAL A 66 -14.24 -14.92 -11.26
C VAL A 66 -14.66 -16.38 -11.11
N SER A 67 -13.67 -17.26 -10.95
CA SER A 67 -13.93 -18.69 -10.84
C SER A 67 -12.83 -19.39 -10.06
N THR A 68 -13.21 -20.32 -9.19
CA THR A 68 -12.25 -21.13 -8.46
C THR A 68 -12.67 -22.59 -8.43
N SER A 69 -11.75 -23.47 -8.82
CA SER A 69 -12.02 -24.91 -8.80
C SER A 69 -10.72 -25.71 -8.85
N THR A 70 -10.55 -26.58 -7.86
CA THR A 70 -9.32 -27.38 -7.76
C THR A 70 -9.60 -28.85 -8.03
N THR A 71 -8.86 -29.41 -8.98
CA THR A 71 -8.94 -30.84 -9.27
C THR A 71 -7.91 -31.62 -8.45
N ALA A 72 -8.39 -32.51 -7.60
CA ALA A 72 -7.51 -33.28 -6.72
C ALA A 72 -6.76 -34.35 -7.51
N PRO A 73 -5.50 -34.58 -7.13
CA PRO A 73 -4.69 -35.61 -7.75
C PRO A 73 -5.07 -37.00 -7.24
N SER A 74 -4.45 -38.03 -7.81
CA SER A 74 -4.67 -39.39 -7.37
C SER A 74 -3.35 -40.13 -7.16
N PRO A 75 -2.94 -40.27 -5.90
CA PRO A 75 -1.75 -41.04 -5.57
C PRO A 75 -1.85 -42.45 -6.13
N ARG A 76 -0.72 -42.95 -6.66
CA ARG A 76 -0.69 -44.25 -7.30
C ARG A 76 -0.34 -45.35 -6.29
N ILE A 77 -1.22 -46.35 -6.20
CA ILE A 77 -0.99 -47.46 -5.29
C ILE A 77 -0.86 -48.78 -6.04
N VAL A 78 0.26 -49.46 -5.84
CA VAL A 78 0.55 -50.70 -6.57
C VAL A 78 0.73 -51.86 -5.60
N GLU A 79 0.04 -52.97 -5.87
CA GLU A 79 0.16 -54.17 -5.07
C GLU A 79 1.27 -55.07 -5.60
N LYS A 80 2.10 -55.57 -4.68
CA LYS A 80 3.21 -56.45 -5.05
C LYS A 80 3.07 -57.82 -4.40
N GLY A 81 3.14 -58.87 -5.21
CA GLY A 81 3.04 -60.23 -4.73
C GLY A 81 4.27 -60.62 -3.91
N THR A 82 4.14 -61.70 -3.14
CA THR A 82 5.18 -62.07 -2.19
C THR A 82 5.14 -63.57 -1.90
N LYS A 83 5.90 -64.00 -0.90
CA LYS A 83 5.99 -65.41 -0.54
C LYS A 83 4.93 -65.79 0.48
N LYS A 84 4.53 -64.82 1.29
CA LYS A 84 3.53 -65.04 2.33
C LYS A 84 2.29 -65.71 1.75
N GLY A 1 -11.58 12.59 -5.97
CA GLY A 1 -11.40 11.65 -7.07
C GLY A 1 -9.92 11.50 -7.43
N SER A 2 -9.51 10.25 -7.65
CA SER A 2 -8.12 9.97 -8.02
C SER A 2 -7.79 10.52 -9.40
N HIS A 3 -6.74 11.33 -9.47
CA HIS A 3 -6.39 12.01 -10.70
C HIS A 3 -5.46 11.15 -11.56
N ASN A 4 -5.99 10.02 -12.03
CA ASN A 4 -5.23 9.12 -12.90
C ASN A 4 -6.15 8.16 -13.64
N LYS A 5 -5.56 7.29 -14.45
CA LYS A 5 -6.32 6.30 -15.20
C LYS A 5 -6.42 4.99 -14.43
N PRO A 6 -7.66 4.55 -14.18
CA PRO A 6 -7.89 3.30 -13.48
C PRO A 6 -7.71 2.10 -14.42
N GLU A 7 -6.50 1.96 -14.96
CA GLU A 7 -6.20 0.88 -15.89
C GLU A 7 -5.73 -0.37 -15.15
N LEU A 8 -6.62 -1.35 -15.05
CA LEU A 8 -6.31 -2.59 -14.35
C LEU A 8 -5.85 -3.67 -15.33
N LEU A 9 -4.60 -4.11 -15.17
CA LEU A 9 -4.03 -5.11 -16.06
C LEU A 9 -3.83 -6.43 -15.35
N TYR A 10 -4.06 -7.52 -16.07
CA TYR A 10 -3.89 -8.87 -15.52
C TYR A 10 -3.02 -9.73 -16.42
N ARG A 11 -1.71 -9.55 -16.31
CA ARG A 11 -0.77 -10.21 -17.21
C ARG A 11 -0.42 -11.61 -16.71
N GLU A 12 -0.93 -12.61 -17.41
CA GLU A 12 -0.67 -14.01 -17.04
C GLU A 12 0.51 -14.57 -17.81
N GLU A 13 1.53 -15.02 -17.08
CA GLU A 13 2.71 -15.59 -17.69
C GLU A 13 2.91 -17.05 -17.27
N THR A 14 3.31 -17.88 -18.23
CA THR A 14 3.51 -19.31 -17.96
C THR A 14 4.97 -19.61 -17.69
N ILE A 15 5.26 -20.12 -16.48
CA ILE A 15 6.61 -20.51 -16.12
C ILE A 15 6.82 -22.01 -16.29
N GLU A 16 7.89 -22.38 -16.99
CA GLU A 16 8.21 -23.79 -17.21
C GLU A 16 9.65 -24.07 -16.83
N THR A 17 9.85 -24.63 -15.64
CA THR A 17 11.19 -24.96 -15.15
C THR A 17 11.57 -26.39 -15.52
N LYS A 18 12.63 -26.53 -16.29
CA LYS A 18 13.03 -27.84 -16.81
C LYS A 18 13.43 -28.77 -15.66
N ILE A 19 12.97 -30.01 -15.74
CA ILE A 19 13.26 -30.99 -14.70
C ILE A 19 14.24 -32.04 -15.18
N ASP A 20 15.35 -32.20 -14.44
CA ASP A 20 16.39 -33.14 -14.82
C ASP A 20 15.92 -34.58 -14.68
N PHE A 21 16.63 -35.50 -15.33
CA PHE A 21 16.29 -36.91 -15.25
C PHE A 21 17.54 -37.77 -15.08
N GLN A 22 17.37 -38.99 -14.60
CA GLN A 22 18.48 -39.89 -14.37
C GLN A 22 18.64 -40.90 -15.50
N GLU A 23 19.84 -41.46 -15.62
CA GLU A 23 20.11 -42.46 -16.64
C GLU A 23 20.65 -43.74 -16.03
N GLU A 24 20.24 -44.88 -16.58
CA GLU A 24 20.63 -46.18 -16.05
C GLU A 24 20.78 -47.21 -17.16
N ILE A 25 21.86 -47.98 -17.09
CA ILE A 25 22.07 -49.08 -18.04
C ILE A 25 21.98 -50.43 -17.35
N GLN A 26 21.11 -51.29 -17.86
CA GLN A 26 20.90 -52.61 -17.28
C GLN A 26 21.25 -53.71 -18.27
N GLU A 27 21.62 -54.88 -17.74
CA GLU A 27 21.99 -56.01 -18.57
C GLU A 27 20.78 -56.86 -18.93
N ASN A 28 20.79 -57.43 -20.13
CA ASN A 28 19.70 -58.27 -20.60
C ASN A 28 20.23 -59.58 -21.18
N PRO A 29 20.12 -60.65 -20.42
CA PRO A 29 20.65 -61.95 -20.83
C PRO A 29 20.09 -62.37 -22.18
N ASP A 30 18.87 -61.93 -22.47
CA ASP A 30 18.17 -62.35 -23.68
C ASP A 30 18.85 -61.80 -24.93
N LEU A 31 19.54 -60.68 -24.76
CA LEU A 31 20.26 -60.06 -25.88
C LEU A 31 21.68 -60.63 -25.99
N ALA A 32 22.16 -60.72 -27.23
CA ALA A 32 23.52 -61.20 -27.48
C ALA A 32 24.55 -60.26 -26.85
N GLU A 33 25.59 -60.84 -26.27
CA GLU A 33 26.57 -60.07 -25.51
C GLU A 33 27.09 -58.89 -26.33
N GLY A 34 26.95 -57.69 -25.77
CA GLY A 34 27.45 -56.49 -26.41
C GLY A 34 26.32 -55.70 -27.08
N THR A 35 25.18 -56.36 -27.27
CA THR A 35 24.04 -55.74 -27.92
C THR A 35 23.49 -54.58 -27.09
N VAL A 36 23.28 -53.44 -27.74
CA VAL A 36 22.71 -52.28 -27.07
C VAL A 36 21.31 -51.98 -27.58
N ARG A 37 20.34 -51.93 -26.67
CA ARG A 37 18.96 -51.63 -27.03
C ARG A 37 18.31 -50.73 -26.00
N VAL A 38 17.90 -49.54 -26.43
CA VAL A 38 17.29 -48.56 -25.54
C VAL A 38 15.87 -48.94 -25.19
N LYS A 39 15.61 -49.08 -23.89
CA LYS A 39 14.27 -49.47 -23.42
C LYS A 39 13.39 -48.24 -23.23
N GLN A 40 13.94 -47.19 -22.65
CA GLN A 40 13.21 -45.94 -22.43
C GLN A 40 14.07 -44.74 -22.75
N GLU A 41 13.62 -43.92 -23.70
CA GLU A 41 14.31 -42.68 -24.04
C GLU A 41 14.18 -41.65 -22.93
N GLY A 42 15.32 -41.12 -22.49
CA GLY A 42 15.34 -40.07 -21.47
C GLY A 42 14.88 -38.75 -22.05
N LYS A 43 14.26 -37.92 -21.21
CA LYS A 43 13.73 -36.63 -21.64
C LYS A 43 13.49 -35.71 -20.45
N LEU A 44 13.87 -34.44 -20.59
CA LEU A 44 13.65 -33.45 -19.55
C LEU A 44 12.16 -33.19 -19.33
N GLY A 45 11.79 -33.00 -18.07
CA GLY A 45 10.41 -32.62 -17.73
C GLY A 45 10.28 -31.10 -17.63
N LYS A 46 9.22 -30.65 -16.98
CA LYS A 46 9.00 -29.23 -16.76
C LYS A 46 7.94 -29.00 -15.68
N LYS A 47 8.21 -28.05 -14.79
CA LYS A 47 7.22 -27.63 -13.80
C LYS A 47 6.47 -26.39 -14.27
N VAL A 48 5.17 -26.55 -14.50
CA VAL A 48 4.36 -25.47 -15.05
C VAL A 48 3.73 -24.64 -13.94
N GLU A 49 3.95 -23.33 -13.99
CA GLU A 49 3.33 -22.41 -13.03
C GLU A 49 2.90 -21.12 -13.71
N ILE A 50 1.59 -20.94 -13.84
CA ILE A 50 1.04 -19.74 -14.45
C ILE A 50 0.73 -18.68 -13.41
N VAL A 51 1.35 -17.51 -13.54
CA VAL A 51 1.22 -16.45 -12.55
C VAL A 51 0.58 -15.21 -13.15
N ARG A 52 -0.43 -14.69 -12.48
CA ARG A 52 -1.13 -13.49 -12.93
C ARG A 52 -0.57 -12.24 -12.26
N ILE A 53 -0.15 -11.28 -13.07
CA ILE A 53 0.44 -10.04 -12.56
C ILE A 53 -0.57 -8.90 -12.58
N PHE A 54 -0.92 -8.40 -11.40
CA PHE A 54 -1.90 -7.32 -11.29
C PHE A 54 -1.21 -5.96 -11.27
N SER A 55 -1.57 -5.11 -12.23
CA SER A 55 -0.98 -3.78 -12.32
C SER A 55 -2.06 -2.72 -12.50
N VAL A 56 -1.88 -1.57 -11.85
CA VAL A 56 -2.84 -0.47 -11.95
C VAL A 56 -2.14 0.83 -12.34
N ASN A 57 -2.62 1.45 -13.42
CA ASN A 57 -2.06 2.72 -13.87
C ASN A 57 -0.57 2.60 -14.17
N LYS A 58 -0.20 1.53 -14.87
CA LYS A 58 1.19 1.30 -15.24
C LYS A 58 2.07 1.12 -14.01
N GLU A 59 1.52 0.48 -12.99
CA GLU A 59 2.25 0.24 -11.76
C GLU A 59 1.92 -1.12 -11.16
N GLU A 60 2.92 -1.98 -11.05
CA GLU A 60 2.74 -3.33 -10.53
C GLU A 60 2.23 -3.29 -9.09
N VAL A 61 1.16 -4.03 -8.82
CA VAL A 61 0.54 -4.04 -7.50
C VAL A 61 0.85 -5.33 -6.76
N SER A 62 0.48 -6.46 -7.36
CA SER A 62 0.64 -7.75 -6.73
C SER A 62 0.54 -8.89 -7.75
N ARG A 63 0.78 -10.12 -7.29
CA ARG A 63 0.70 -11.28 -8.17
C ARG A 63 -0.03 -12.43 -7.49
N GLU A 64 -0.61 -13.31 -8.31
CA GLU A 64 -1.27 -14.50 -7.79
C GLU A 64 -1.09 -15.68 -8.74
N ILE A 65 -1.12 -16.89 -8.19
CA ILE A 65 -0.90 -18.10 -8.96
C ILE A 65 -2.19 -18.59 -9.59
N VAL A 66 -2.21 -18.71 -10.92
CA VAL A 66 -3.39 -19.17 -11.63
C VAL A 66 -3.49 -20.69 -11.61
N SER A 67 -2.42 -21.36 -12.01
CA SER A 67 -2.41 -22.81 -12.15
C SER A 67 -1.01 -23.38 -11.98
N THR A 68 -0.91 -24.54 -11.33
CA THR A 68 0.36 -25.22 -11.17
C THR A 68 0.25 -26.70 -11.50
N SER A 69 1.20 -27.21 -12.26
CA SER A 69 1.21 -28.62 -12.63
C SER A 69 2.61 -29.07 -13.07
N THR A 70 3.14 -30.08 -12.40
CA THR A 70 4.48 -30.57 -12.68
C THR A 70 4.44 -31.73 -13.66
N THR A 71 5.18 -31.60 -14.75
CA THR A 71 5.32 -32.68 -15.73
C THR A 71 6.53 -33.54 -15.42
N ALA A 72 6.29 -34.82 -15.12
CA ALA A 72 7.36 -35.72 -14.71
C ALA A 72 8.34 -35.95 -15.84
N PRO A 73 9.63 -35.97 -15.51
CA PRO A 73 10.67 -36.24 -16.49
C PRO A 73 10.74 -37.71 -16.84
N SER A 74 11.43 -38.03 -17.93
CA SER A 74 11.62 -39.42 -18.34
C SER A 74 13.06 -39.86 -18.15
N PRO A 75 13.27 -40.83 -17.26
CA PRO A 75 14.59 -41.41 -17.05
C PRO A 75 14.99 -42.30 -18.23
N ARG A 76 16.29 -42.42 -18.46
CA ARG A 76 16.80 -43.21 -19.57
C ARG A 76 17.13 -44.63 -19.12
N ILE A 77 16.56 -45.62 -19.81
CA ILE A 77 16.86 -47.02 -19.54
C ILE A 77 17.39 -47.72 -20.79
N VAL A 78 18.63 -48.20 -20.70
CA VAL A 78 19.27 -48.87 -21.83
C VAL A 78 19.64 -50.30 -21.48
N GLU A 79 19.30 -51.24 -22.36
CA GLU A 79 19.63 -52.64 -22.15
C GLU A 79 20.96 -53.01 -22.79
N LYS A 80 21.71 -53.87 -22.13
CA LYS A 80 22.99 -54.33 -22.64
C LYS A 80 23.09 -55.86 -22.60
N GLY A 81 23.30 -56.46 -23.76
CA GLY A 81 23.39 -57.91 -23.86
C GLY A 81 24.51 -58.46 -22.99
N THR A 82 24.24 -59.58 -22.34
CA THR A 82 25.19 -60.16 -21.39
C THR A 82 25.20 -61.68 -21.46
N LYS A 83 25.68 -62.31 -20.40
CA LYS A 83 25.79 -63.77 -20.36
C LYS A 83 24.45 -64.41 -20.05
N LYS A 84 24.27 -65.65 -20.49
CA LYS A 84 23.05 -66.40 -20.22
C LYS A 84 23.29 -67.90 -20.32
N GLY A 1 -11.58 12.59 -5.97
CA GLY A 1 -11.40 11.65 -7.07
C GLY A 1 -9.92 11.50 -7.43
N SER A 2 -9.48 10.25 -7.57
CA SER A 2 -8.10 9.97 -7.92
C SER A 2 -7.89 10.01 -9.43
N HIS A 3 -8.99 9.92 -10.18
CA HIS A 3 -8.92 9.84 -11.62
C HIS A 3 -8.86 11.23 -12.25
N ASN A 4 -7.73 11.91 -12.06
CA ASN A 4 -7.53 13.24 -12.61
C ASN A 4 -6.05 13.53 -12.85
N LYS A 5 -5.76 14.72 -13.37
CA LYS A 5 -4.38 15.11 -13.63
C LYS A 5 -3.60 15.31 -12.33
N PRO A 6 -2.49 14.60 -12.21
CA PRO A 6 -1.63 14.73 -11.04
C PRO A 6 -1.21 16.18 -10.81
N GLU A 7 -1.14 16.57 -9.55
CA GLU A 7 -0.72 17.93 -9.20
C GLU A 7 0.78 18.10 -9.36
N LEU A 8 1.18 18.96 -10.29
CA LEU A 8 2.59 19.18 -10.58
C LEU A 8 3.10 20.47 -9.94
N LEU A 9 4.26 20.38 -9.29
CA LEU A 9 4.87 21.55 -8.68
C LEU A 9 6.33 21.69 -9.12
N TYR A 10 6.69 22.88 -9.58
CA TYR A 10 8.06 23.17 -9.98
C TYR A 10 8.63 24.33 -9.17
N ARG A 11 8.99 24.06 -7.92
CA ARG A 11 9.36 25.10 -6.98
C ARG A 11 10.83 25.46 -7.10
N GLU A 12 11.10 26.63 -7.68
CA GLU A 12 12.47 27.11 -7.83
C GLU A 12 12.91 27.94 -6.63
N GLU A 13 14.00 27.53 -5.99
CA GLU A 13 14.51 28.25 -4.84
C GLU A 13 15.94 28.74 -5.09
N THR A 14 16.24 29.95 -4.63
CA THR A 14 17.56 30.53 -4.79
C THR A 14 18.41 30.31 -3.55
N ILE A 15 19.51 29.59 -3.72
CA ILE A 15 20.43 29.32 -2.61
C ILE A 15 21.65 30.21 -2.68
N GLU A 16 21.86 31.01 -1.64
CA GLU A 16 23.00 31.92 -1.58
C GLU A 16 23.83 31.69 -0.32
N THR A 17 25.15 31.74 -0.46
CA THR A 17 26.04 31.66 0.68
C THR A 17 27.32 32.46 0.45
N LYS A 18 27.82 33.09 1.50
CA LYS A 18 28.96 33.99 1.39
C LYS A 18 30.27 33.20 1.30
N ILE A 19 31.24 33.78 0.59
CA ILE A 19 32.53 33.12 0.40
C ILE A 19 33.64 33.86 1.15
N ASP A 20 34.33 33.13 2.02
CA ASP A 20 35.41 33.71 2.80
C ASP A 20 36.61 34.06 1.93
N PHE A 21 37.42 35.01 2.39
CA PHE A 21 38.60 35.43 1.66
C PHE A 21 39.85 35.26 2.50
N GLN A 22 41.01 35.24 1.83
CA GLN A 22 42.28 35.03 2.52
C GLN A 22 42.98 36.37 2.76
N GLU A 23 43.94 36.36 3.68
CA GLU A 23 44.70 37.56 4.01
C GLU A 23 46.19 37.32 3.88
N GLU A 24 46.90 38.30 3.30
CA GLU A 24 48.35 38.20 3.12
C GLU A 24 49.01 39.55 3.30
N ILE A 25 50.10 39.57 4.07
CA ILE A 25 50.85 40.80 4.30
C ILE A 25 52.24 40.72 3.65
N GLN A 26 52.55 41.68 2.79
CA GLN A 26 53.84 41.71 2.12
C GLN A 26 54.58 43.01 2.40
N GLU A 27 55.90 42.94 2.43
CA GLU A 27 56.74 44.10 2.74
C GLU A 27 57.06 44.89 1.48
N ASN A 28 57.14 46.21 1.63
CA ASN A 28 57.34 47.10 0.49
C ASN A 28 58.48 48.08 0.75
N PRO A 29 59.61 47.83 0.11
CA PRO A 29 60.79 48.68 0.30
C PRO A 29 60.49 50.12 -0.05
N ASP A 30 59.52 50.33 -0.94
CA ASP A 30 59.23 51.65 -1.46
C ASP A 30 58.59 52.53 -0.39
N LEU A 31 58.05 51.90 0.64
CA LEU A 31 57.42 52.62 1.73
C LEU A 31 58.35 52.74 2.94
N ALA A 32 58.17 53.79 3.72
CA ALA A 32 58.98 53.99 4.92
C ALA A 32 58.71 52.92 5.97
N GLU A 33 59.74 52.56 6.72
CA GLU A 33 59.64 51.47 7.68
C GLU A 33 58.46 51.67 8.62
N GLY A 34 57.56 50.69 8.64
CA GLY A 34 56.43 50.70 9.56
C GLY A 34 55.16 51.17 8.89
N THR A 35 55.31 51.68 7.67
CA THR A 35 54.17 52.20 6.91
C THR A 35 53.19 51.08 6.58
N VAL A 36 51.92 51.32 6.87
CA VAL A 36 50.86 50.36 6.55
C VAL A 36 49.96 50.90 5.43
N ARG A 37 49.90 50.18 4.32
CA ARG A 37 49.07 50.57 3.20
C ARG A 37 48.37 49.36 2.59
N VAL A 38 47.04 49.39 2.58
CA VAL A 38 46.25 48.29 2.04
C VAL A 38 46.30 48.26 0.53
N LYS A 39 46.76 47.15 -0.03
CA LYS A 39 46.84 46.99 -1.48
C LYS A 39 45.53 46.49 -2.06
N GLN A 40 44.90 45.56 -1.36
CA GLN A 40 43.61 45.02 -1.79
C GLN A 40 42.64 44.89 -0.62
N GLU A 41 41.48 45.48 -0.76
CA GLU A 41 40.47 45.46 0.31
C GLU A 41 39.84 44.08 0.44
N GLY A 42 39.74 43.60 1.68
CA GLY A 42 39.12 42.31 1.95
C GLY A 42 37.61 42.38 1.80
N LYS A 43 37.07 41.56 0.90
CA LYS A 43 35.63 41.49 0.68
C LYS A 43 35.16 40.05 0.54
N LEU A 44 33.96 39.78 1.03
CA LEU A 44 33.37 38.45 0.91
C LEU A 44 32.73 38.25 -0.47
N GLY A 45 32.77 37.02 -0.96
CA GLY A 45 32.07 36.65 -2.18
C GLY A 45 30.68 36.09 -1.86
N LYS A 46 30.11 35.37 -2.83
CA LYS A 46 28.81 34.74 -2.64
C LYS A 46 28.51 33.75 -3.76
N LYS A 47 28.28 32.50 -3.39
CA LYS A 47 27.84 31.49 -4.35
C LYS A 47 26.32 31.50 -4.51
N VAL A 48 25.86 31.58 -5.75
CA VAL A 48 24.43 31.55 -6.04
C VAL A 48 24.05 30.31 -6.83
N GLU A 49 23.07 29.57 -6.32
CA GLU A 49 22.62 28.35 -6.98
C GLU A 49 21.11 28.22 -6.90
N ILE A 50 20.45 28.31 -8.06
CA ILE A 50 19.00 28.19 -8.14
C ILE A 50 18.59 26.77 -8.54
N VAL A 51 17.77 26.14 -7.72
CA VAL A 51 17.40 24.74 -7.94
C VAL A 51 15.88 24.59 -8.04
N ARG A 52 15.44 23.85 -9.06
CA ARG A 52 14.03 23.57 -9.24
C ARG A 52 13.62 22.27 -8.57
N ILE A 53 12.62 22.33 -7.70
CA ILE A 53 12.14 21.15 -6.99
C ILE A 53 10.87 20.60 -7.61
N PHE A 54 10.95 19.38 -8.13
CA PHE A 54 9.81 18.76 -8.80
C PHE A 54 9.03 17.88 -7.83
N SER A 55 7.75 18.20 -7.64
CA SER A 55 6.89 17.41 -6.76
C SER A 55 5.58 17.05 -7.46
N VAL A 56 5.09 15.85 -7.18
CA VAL A 56 3.85 15.36 -7.77
C VAL A 56 2.85 14.93 -6.70
N ASN A 57 1.65 15.47 -6.76
CA ASN A 57 0.62 15.18 -5.76
C ASN A 57 1.13 15.47 -4.36
N LYS A 58 1.79 16.60 -4.19
CA LYS A 58 2.36 16.98 -2.90
C LYS A 58 3.34 15.93 -2.40
N GLU A 59 4.21 15.47 -3.30
CA GLU A 59 5.25 14.52 -2.92
C GLU A 59 6.52 14.75 -3.74
N GLU A 60 7.61 15.08 -3.04
CA GLU A 60 8.87 15.42 -3.69
C GLU A 60 9.37 14.25 -4.54
N VAL A 61 9.67 14.53 -5.80
CA VAL A 61 10.14 13.51 -6.73
C VAL A 61 11.64 13.64 -7.00
N SER A 62 12.04 14.82 -7.48
CA SER A 62 13.43 15.05 -7.84
C SER A 62 13.73 16.55 -7.94
N ARG A 63 14.99 16.88 -8.18
CA ARG A 63 15.41 18.27 -8.29
C ARG A 63 16.35 18.46 -9.48
N GLU A 64 16.37 19.68 -10.01
CA GLU A 64 17.25 20.02 -11.11
C GLU A 64 17.77 21.45 -11.01
N ILE A 65 19.07 21.63 -11.17
CA ILE A 65 19.69 22.94 -11.02
C ILE A 65 19.34 23.85 -12.17
N VAL A 66 18.74 25.00 -11.86
CA VAL A 66 18.34 25.97 -12.88
C VAL A 66 19.52 26.81 -13.34
N SER A 67 20.23 27.39 -12.38
CA SER A 67 21.31 28.32 -12.68
C SER A 67 22.35 28.34 -11.57
N THR A 68 23.62 28.44 -11.94
CA THR A 68 24.71 28.54 -10.99
C THR A 68 25.68 29.66 -11.34
N SER A 69 26.04 30.46 -10.34
CA SER A 69 26.97 31.56 -10.54
C SER A 69 27.63 31.97 -9.23
N THR A 70 28.95 31.91 -9.18
CA THR A 70 29.69 32.20 -7.96
C THR A 70 30.44 33.52 -8.08
N THR A 71 30.23 34.41 -7.10
CA THR A 71 30.99 35.65 -7.03
C THR A 71 32.27 35.47 -6.23
N ALA A 72 33.41 35.72 -6.88
CA ALA A 72 34.71 35.49 -6.26
C ALA A 72 34.96 36.47 -5.12
N PRO A 73 35.57 35.97 -4.05
CA PRO A 73 35.93 36.81 -2.91
C PRO A 73 37.15 37.67 -3.22
N SER A 74 37.43 38.63 -2.35
CA SER A 74 38.59 39.50 -2.51
C SER A 74 39.53 39.38 -1.32
N PRO A 75 40.57 38.56 -1.48
CA PRO A 75 41.59 38.41 -0.44
C PRO A 75 42.20 39.76 -0.08
N ARG A 76 42.46 39.95 1.21
CA ARG A 76 42.96 41.23 1.71
C ARG A 76 44.49 41.24 1.69
N ILE A 77 45.05 42.26 1.04
CA ILE A 77 46.50 42.39 0.94
C ILE A 77 46.98 43.70 1.54
N VAL A 78 47.92 43.61 2.47
CA VAL A 78 48.44 44.79 3.15
C VAL A 78 49.95 44.92 2.96
N GLU A 79 50.39 46.14 2.63
CA GLU A 79 51.81 46.40 2.41
C GLU A 79 52.49 46.87 3.69
N LYS A 80 53.70 46.38 3.94
CA LYS A 80 54.44 46.73 5.14
C LYS A 80 55.76 47.41 4.77
N GLY A 81 55.83 48.73 4.99
CA GLY A 81 57.01 49.50 4.63
C GLY A 81 58.26 48.97 5.32
N THR A 82 59.36 48.91 4.59
CA THR A 82 60.61 48.40 5.12
C THR A 82 61.81 49.08 4.46
N LYS A 83 62.98 48.94 5.09
CA LYS A 83 64.21 49.53 4.56
C LYS A 83 65.04 48.48 3.83
N LYS A 84 64.51 47.26 3.74
CA LYS A 84 65.19 46.18 3.04
C LYS A 84 65.49 46.55 1.60
N GLY A 1 -11.58 12.59 -5.97
CA GLY A 1 -11.40 11.65 -7.07
C GLY A 1 -9.92 11.50 -7.43
N SER A 2 -9.66 11.15 -8.68
CA SER A 2 -8.28 11.00 -9.16
C SER A 2 -7.78 12.28 -9.79
N HIS A 3 -8.69 13.06 -10.36
CA HIS A 3 -8.34 14.33 -10.99
C HIS A 3 -9.39 15.40 -10.70
N ASN A 4 -9.98 15.34 -9.51
CA ASN A 4 -10.99 16.31 -9.10
C ASN A 4 -11.33 16.17 -7.63
N LYS A 5 -12.14 17.10 -7.12
CA LYS A 5 -12.46 17.13 -5.70
C LYS A 5 -13.43 16.03 -5.33
N PRO A 6 -14.51 15.90 -6.10
CA PRO A 6 -15.52 14.88 -5.85
C PRO A 6 -15.08 13.52 -6.38
N GLU A 7 -15.95 12.53 -6.23
CA GLU A 7 -15.60 11.15 -6.56
C GLU A 7 -15.62 10.93 -8.07
N LEU A 8 -14.65 11.52 -8.76
CA LEU A 8 -14.49 11.30 -10.19
C LEU A 8 -13.15 10.64 -10.49
N LEU A 9 -13.20 9.37 -10.87
CA LEU A 9 -11.99 8.60 -11.12
C LEU A 9 -11.72 8.47 -12.62
N TYR A 10 -10.46 8.65 -13.00
CA TYR A 10 -10.06 8.53 -14.40
C TYR A 10 -8.89 7.57 -14.55
N ARG A 11 -9.18 6.27 -14.51
CA ARG A 11 -8.14 5.26 -14.50
C ARG A 11 -7.70 4.89 -15.92
N GLU A 12 -6.51 5.36 -16.31
CA GLU A 12 -5.97 5.07 -17.63
C GLU A 12 -5.13 3.79 -17.60
N GLU A 13 -5.47 2.84 -18.47
CA GLU A 13 -4.74 1.59 -18.56
C GLU A 13 -4.18 1.38 -19.97
N THR A 14 -2.96 0.87 -20.04
CA THR A 14 -2.31 0.61 -21.32
C THR A 14 -2.44 -0.86 -21.71
N ILE A 15 -3.10 -1.10 -22.84
CA ILE A 15 -3.24 -2.47 -23.35
C ILE A 15 -2.20 -2.75 -24.43
N GLU A 16 -1.42 -3.81 -24.21
CA GLU A 16 -0.38 -4.20 -25.16
C GLU A 16 -0.54 -5.65 -25.60
N THR A 17 -0.84 -5.83 -26.88
CA THR A 17 -1.01 -7.18 -27.43
C THR A 17 0.08 -7.49 -28.45
N LYS A 18 0.84 -8.57 -28.18
CA LYS A 18 1.91 -8.98 -29.07
C LYS A 18 1.37 -9.50 -30.39
N ILE A 19 2.01 -9.10 -31.49
CA ILE A 19 1.54 -9.46 -32.82
C ILE A 19 2.41 -10.53 -33.44
N ASP A 20 1.80 -11.63 -33.87
CA ASP A 20 2.52 -12.75 -34.45
C ASP A 20 3.10 -12.39 -35.82
N PHE A 21 4.06 -13.18 -36.28
CA PHE A 21 4.70 -12.93 -37.57
C PHE A 21 4.84 -14.22 -38.37
N GLN A 22 5.06 -14.07 -39.67
CA GLN A 22 5.19 -15.22 -40.55
C GLN A 22 6.65 -15.58 -40.77
N GLU A 23 6.91 -16.85 -41.10
CA GLU A 23 8.26 -17.33 -41.34
C GLU A 23 8.39 -17.96 -42.72
N GLU A 24 9.45 -17.60 -43.43
CA GLU A 24 9.67 -18.10 -44.78
C GLU A 24 11.15 -18.34 -45.04
N ILE A 25 11.47 -19.51 -45.59
CA ILE A 25 12.83 -19.82 -45.99
C ILE A 25 12.95 -19.89 -47.52
N GLN A 26 13.76 -19.02 -48.09
CA GLN A 26 13.87 -18.90 -49.54
C GLN A 26 15.18 -19.47 -50.04
N GLU A 27 15.15 -20.04 -51.24
CA GLU A 27 16.35 -20.63 -51.84
C GLU A 27 17.17 -19.58 -52.57
N ASN A 28 18.31 -19.21 -51.98
CA ASN A 28 19.17 -18.19 -52.56
C ASN A 28 20.28 -18.80 -53.39
N PRO A 29 20.24 -18.55 -54.69
CA PRO A 29 21.20 -19.14 -55.62
C PRO A 29 22.57 -18.48 -55.48
N ASP A 30 22.62 -17.35 -54.80
CA ASP A 30 23.86 -16.62 -54.58
C ASP A 30 24.68 -17.26 -53.46
N LEU A 31 24.05 -18.15 -52.71
CA LEU A 31 24.71 -18.83 -51.61
C LEU A 31 24.93 -20.31 -51.93
N ALA A 32 26.02 -20.87 -51.42
CA ALA A 32 26.34 -22.28 -51.65
C ALA A 32 25.58 -23.18 -50.69
N GLU A 33 25.25 -24.38 -51.15
CA GLU A 33 24.49 -25.32 -50.34
C GLU A 33 25.14 -25.53 -48.99
N GLY A 34 24.36 -25.33 -47.92
CA GLY A 34 24.87 -25.46 -46.56
C GLY A 34 25.01 -24.09 -45.91
N THR A 35 25.02 -23.04 -46.72
CA THR A 35 25.12 -21.68 -46.22
C THR A 35 23.75 -21.13 -45.84
N VAL A 36 23.66 -20.60 -44.63
CA VAL A 36 22.41 -19.99 -44.16
C VAL A 36 22.63 -18.53 -43.76
N ARG A 37 21.83 -17.64 -44.33
CA ARG A 37 21.92 -16.21 -44.02
C ARG A 37 20.55 -15.61 -43.80
N VAL A 38 20.33 -15.08 -42.60
CA VAL A 38 19.05 -14.48 -42.25
C VAL A 38 18.90 -13.09 -42.87
N LYS A 39 17.85 -12.91 -43.66
CA LYS A 39 17.60 -11.63 -44.31
C LYS A 39 16.79 -10.71 -43.40
N GLN A 40 15.81 -11.27 -42.71
CA GLN A 40 14.98 -10.50 -41.77
C GLN A 40 14.69 -11.30 -40.50
N GLU A 41 14.96 -10.70 -39.36
CA GLU A 41 14.82 -11.38 -38.08
C GLU A 41 13.35 -11.49 -37.68
N GLY A 42 12.98 -12.63 -37.14
CA GLY A 42 11.59 -12.89 -36.75
C GLY A 42 11.27 -12.24 -35.40
N LYS A 43 10.66 -11.07 -35.44
CA LYS A 43 10.32 -10.34 -34.23
C LYS A 43 8.82 -10.12 -34.12
N LEU A 44 8.32 -10.14 -32.89
CA LEU A 44 6.90 -9.88 -32.64
C LEU A 44 6.60 -8.39 -32.69
N GLY A 45 5.38 -8.06 -33.10
CA GLY A 45 4.90 -6.68 -33.04
C GLY A 45 4.17 -6.40 -31.74
N LYS A 46 3.41 -5.31 -31.71
CA LYS A 46 2.65 -4.93 -30.52
C LYS A 46 1.57 -3.91 -30.86
N LYS A 47 0.34 -4.21 -30.49
CA LYS A 47 -0.75 -3.25 -30.62
C LYS A 47 -1.04 -2.56 -29.28
N VAL A 48 -0.83 -1.24 -29.26
CA VAL A 48 -1.01 -0.48 -28.03
C VAL A 48 -2.35 0.25 -28.04
N GLU A 49 -3.11 0.08 -26.96
CA GLU A 49 -4.38 0.78 -26.81
C GLU A 49 -4.57 1.29 -25.38
N ILE A 50 -4.46 2.61 -25.21
CA ILE A 50 -4.61 3.23 -23.90
C ILE A 50 -6.03 3.73 -23.70
N VAL A 51 -6.70 3.22 -22.66
CA VAL A 51 -8.10 3.54 -22.43
C VAL A 51 -8.31 4.15 -21.05
N ARG A 52 -9.06 5.25 -21.01
CA ARG A 52 -9.40 5.90 -19.75
C ARG A 52 -10.73 5.40 -19.21
N ILE A 53 -10.71 4.91 -17.98
CA ILE A 53 -11.92 4.39 -17.34
C ILE A 53 -12.54 5.42 -16.40
N PHE A 54 -13.74 5.86 -16.73
CA PHE A 54 -14.42 6.88 -15.95
C PHE A 54 -15.38 6.25 -14.93
N SER A 55 -15.14 6.52 -13.65
CA SER A 55 -16.00 6.01 -12.59
C SER A 55 -16.50 7.14 -11.70
N VAL A 56 -17.72 7.02 -11.22
CA VAL A 56 -18.32 8.01 -10.33
C VAL A 56 -18.79 7.38 -9.03
N ASN A 57 -18.36 7.95 -7.91
CA ASN A 57 -18.63 7.36 -6.61
C ASN A 57 -18.05 5.95 -6.51
N LYS A 58 -16.86 5.77 -7.07
CA LYS A 58 -16.23 4.45 -7.12
C LYS A 58 -17.13 3.44 -7.82
N GLU A 59 -17.70 3.84 -8.94
CA GLU A 59 -18.52 2.94 -9.74
C GLU A 59 -18.34 3.21 -11.23
N GLU A 60 -17.98 2.16 -11.97
CA GLU A 60 -17.67 2.31 -13.38
C GLU A 60 -18.85 2.86 -14.17
N VAL A 61 -18.61 3.92 -14.92
CA VAL A 61 -19.66 4.54 -15.73
C VAL A 61 -19.44 4.28 -17.21
N SER A 62 -18.27 4.67 -17.71
CA SER A 62 -17.96 4.55 -19.12
C SER A 62 -16.45 4.59 -19.36
N ARG A 63 -16.05 4.37 -20.61
CA ARG A 63 -14.64 4.38 -20.97
C ARG A 63 -14.40 5.17 -22.25
N GLU A 64 -13.20 5.69 -22.41
CA GLU A 64 -12.82 6.44 -23.61
C GLU A 64 -11.36 6.22 -23.96
N ILE A 65 -11.10 5.92 -25.23
CA ILE A 65 -9.75 5.63 -25.70
C ILE A 65 -8.89 6.89 -25.70
N VAL A 66 -7.77 6.84 -25.00
CA VAL A 66 -6.86 7.97 -24.93
C VAL A 66 -5.99 8.06 -26.17
N SER A 67 -5.34 6.95 -26.51
CA SER A 67 -4.40 6.92 -27.62
C SER A 67 -4.01 5.49 -27.98
N THR A 68 -3.83 5.25 -29.28
CA THR A 68 -3.42 3.92 -29.75
C THR A 68 -2.15 4.01 -30.60
N SER A 69 -1.48 2.88 -30.75
CA SER A 69 -0.28 2.80 -31.58
C SER A 69 0.03 1.37 -31.97
N THR A 70 0.03 1.10 -33.27
CA THR A 70 0.24 -0.24 -33.79
C THR A 70 1.67 -0.43 -34.28
N THR A 71 2.41 -1.33 -33.64
CA THR A 71 3.73 -1.71 -34.10
C THR A 71 3.70 -2.98 -34.94
N ALA A 72 4.09 -2.86 -36.21
CA ALA A 72 4.03 -3.97 -37.14
C ALA A 72 5.05 -5.05 -36.77
N PRO A 73 4.66 -6.31 -36.95
CA PRO A 73 5.55 -7.43 -36.70
C PRO A 73 6.61 -7.56 -37.78
N SER A 74 7.63 -8.38 -37.51
CA SER A 74 8.70 -8.60 -38.47
C SER A 74 8.80 -10.06 -38.87
N PRO A 75 8.18 -10.42 -39.99
CA PRO A 75 8.25 -11.78 -40.51
C PRO A 75 9.70 -12.22 -40.70
N ARG A 76 9.95 -13.49 -40.43
CA ARG A 76 11.31 -14.04 -40.51
C ARG A 76 11.63 -14.52 -41.92
N ILE A 77 12.71 -13.98 -42.49
CA ILE A 77 13.15 -14.39 -43.82
C ILE A 77 14.56 -14.96 -43.78
N VAL A 78 14.69 -16.22 -44.18
CA VAL A 78 15.99 -16.89 -44.16
C VAL A 78 16.42 -17.30 -45.57
N GLU A 79 17.67 -17.01 -45.90
CA GLU A 79 18.22 -17.38 -47.20
C GLU A 79 19.02 -18.68 -47.11
N LYS A 80 18.55 -19.70 -47.83
CA LYS A 80 19.22 -21.00 -47.84
C LYS A 80 20.01 -21.18 -49.13
N GLY A 81 21.26 -21.60 -48.99
CA GLY A 81 22.13 -21.79 -50.14
C GLY A 81 21.75 -23.05 -50.93
N THR A 82 22.27 -23.16 -52.15
CA THR A 82 21.90 -24.25 -53.04
C THR A 82 22.99 -24.52 -54.06
N LYS A 83 22.66 -25.34 -55.06
CA LYS A 83 23.59 -25.62 -56.15
C LYS A 83 23.09 -25.03 -57.46
N LYS A 84 21.84 -24.60 -57.47
CA LYS A 84 21.24 -24.01 -58.66
C LYS A 84 22.02 -22.77 -59.10
N GLY A 1 -11.58 12.59 -5.97
CA GLY A 1 -11.40 11.65 -7.07
C GLY A 1 -9.92 11.50 -7.43
N SER A 2 -9.28 10.48 -6.85
CA SER A 2 -7.89 10.20 -7.12
C SER A 2 -7.73 9.31 -8.35
N HIS A 3 -7.48 9.92 -9.50
CA HIS A 3 -7.36 9.19 -10.75
C HIS A 3 -5.94 8.68 -10.96
N ASN A 4 -5.53 7.74 -10.12
CA ASN A 4 -4.16 7.23 -10.15
C ASN A 4 -4.14 5.71 -10.26
N LYS A 5 -2.96 5.12 -10.09
CA LYS A 5 -2.82 3.67 -10.13
C LYS A 5 -3.71 3.00 -9.10
N PRO A 6 -4.45 1.98 -9.53
CA PRO A 6 -5.32 1.23 -8.63
C PRO A 6 -4.58 0.78 -7.39
N GLU A 7 -5.03 1.27 -6.24
CA GLU A 7 -4.41 0.92 -4.96
C GLU A 7 -5.46 0.78 -3.86
N LEU A 8 -5.69 -0.46 -3.43
CA LEU A 8 -6.67 -0.74 -2.40
C LEU A 8 -6.03 -0.88 -1.03
N LEU A 9 -6.30 0.07 -0.14
CA LEU A 9 -5.71 0.07 1.19
C LEU A 9 -6.77 -0.14 2.27
N TYR A 10 -6.38 -0.81 3.35
CA TYR A 10 -7.27 -1.01 4.48
C TYR A 10 -6.60 -0.61 5.79
N ARG A 11 -7.35 0.05 6.66
CA ARG A 11 -6.83 0.51 7.94
C ARG A 11 -7.80 0.24 9.08
N GLU A 12 -7.26 -0.03 10.26
CA GLU A 12 -8.08 -0.27 11.44
C GLU A 12 -8.41 1.03 12.15
N GLU A 13 -9.68 1.23 12.47
CA GLU A 13 -10.12 2.43 13.16
C GLU A 13 -11.02 2.10 14.34
N THR A 14 -10.43 2.07 15.53
CA THR A 14 -11.19 1.83 16.76
C THR A 14 -11.61 3.14 17.41
N ILE A 15 -12.92 3.33 17.53
CA ILE A 15 -13.46 4.54 18.14
C ILE A 15 -14.13 4.24 19.47
N GLU A 16 -13.73 4.98 20.50
CA GLU A 16 -14.33 4.82 21.83
C GLU A 16 -14.84 6.16 22.36
N THR A 17 -16.16 6.27 22.49
CA THR A 17 -16.77 7.47 23.03
C THR A 17 -17.14 7.30 24.50
N LYS A 18 -16.51 8.08 25.37
CA LYS A 18 -16.66 7.91 26.80
C LYS A 18 -18.08 8.26 27.24
N ILE A 19 -18.58 7.53 28.23
CA ILE A 19 -19.93 7.75 28.75
C ILE A 19 -19.88 8.29 30.18
N ASP A 20 -20.46 9.47 30.38
CA ASP A 20 -20.51 10.09 31.70
C ASP A 20 -21.42 9.32 32.64
N PHE A 21 -21.17 9.44 33.94
CA PHE A 21 -21.98 8.76 34.94
C PHE A 21 -22.51 9.75 35.97
N GLN A 22 -23.54 9.34 36.71
CA GLN A 22 -24.16 10.20 37.70
C GLN A 22 -23.65 9.89 39.11
N GLU A 23 -23.80 10.85 40.01
CA GLU A 23 -23.38 10.66 41.39
C GLU A 23 -24.54 10.87 42.35
N GLU A 24 -24.65 9.99 43.33
CA GLU A 24 -25.73 10.06 44.31
C GLU A 24 -25.26 9.63 45.70
N ILE A 25 -25.61 10.41 46.71
CA ILE A 25 -25.29 10.08 48.09
C ILE A 25 -26.55 9.72 48.88
N GLN A 26 -26.54 8.54 49.49
CA GLN A 26 -27.69 8.05 50.23
C GLN A 26 -27.35 7.82 51.70
N GLU A 27 -28.36 7.95 52.56
CA GLU A 27 -28.14 7.80 54.00
C GLU A 27 -28.28 6.34 54.42
N ASN A 28 -27.54 5.96 55.45
CA ASN A 28 -27.56 4.58 55.95
C ASN A 28 -27.51 4.56 57.47
N PRO A 29 -28.64 4.20 58.08
CA PRO A 29 -28.76 4.24 59.53
C PRO A 29 -28.03 3.07 60.18
N ASP A 30 -27.60 2.11 59.35
CA ASP A 30 -26.84 0.97 59.84
C ASP A 30 -25.39 1.36 60.11
N LEU A 31 -25.00 2.53 59.62
CA LEU A 31 -23.66 3.06 59.87
C LEU A 31 -23.69 4.17 60.91
N ALA A 32 -22.59 4.35 61.62
CA ALA A 32 -22.47 5.42 62.61
C ALA A 32 -22.56 6.80 61.95
N GLU A 33 -23.22 7.72 62.64
CA GLU A 33 -23.47 9.05 62.07
C GLU A 33 -22.18 9.68 61.57
N GLY A 34 -22.15 10.04 60.29
CA GLY A 34 -21.01 10.74 59.71
C GLY A 34 -20.14 9.79 58.92
N THR A 35 -20.39 8.49 59.07
CA THR A 35 -19.61 7.47 58.38
C THR A 35 -19.77 7.57 56.87
N VAL A 36 -18.65 7.55 56.15
CA VAL A 36 -18.67 7.57 54.69
C VAL A 36 -18.21 6.25 54.12
N ARG A 37 -19.08 5.60 53.34
CA ARG A 37 -18.74 4.32 52.72
C ARG A 37 -19.25 4.26 51.28
N VAL A 38 -18.33 4.10 50.34
CA VAL A 38 -18.68 4.04 48.93
C VAL A 38 -19.33 2.72 48.58
N LYS A 39 -20.54 2.78 48.05
CA LYS A 39 -21.29 1.59 47.66
C LYS A 39 -20.93 1.15 46.25
N GLN A 40 -20.82 2.13 45.34
CA GLN A 40 -20.46 1.86 43.95
C GLN A 40 -19.47 2.89 43.44
N GLU A 41 -18.29 2.42 43.03
CA GLU A 41 -17.25 3.31 42.51
C GLU A 41 -17.68 3.94 41.20
N GLY A 42 -17.58 5.27 41.13
CA GLY A 42 -17.90 6.00 39.90
C GLY A 42 -16.87 5.72 38.82
N LYS A 43 -17.35 5.21 37.69
CA LYS A 43 -16.48 4.91 36.55
C LYS A 43 -17.13 5.30 35.24
N LEU A 44 -16.33 5.77 34.29
CA LEU A 44 -16.82 6.13 32.97
C LEU A 44 -17.05 4.89 32.12
N GLY A 45 -18.07 4.95 31.25
CA GLY A 45 -18.27 3.91 30.25
C GLY A 45 -17.63 4.29 28.92
N LYS A 46 -18.00 3.58 27.87
CA LYS A 46 -17.51 3.88 26.52
C LYS A 46 -18.32 3.15 25.46
N LYS A 47 -18.54 3.82 24.33
CA LYS A 47 -19.15 3.18 23.17
C LYS A 47 -18.08 2.78 22.15
N VAL A 48 -17.94 1.47 21.94
CA VAL A 48 -16.89 0.94 21.08
C VAL A 48 -17.40 0.75 19.66
N GLU A 49 -16.72 1.37 18.71
CA GLU A 49 -17.03 1.19 17.29
C GLU A 49 -15.78 0.91 16.47
N ILE A 50 -15.53 -0.36 16.19
CA ILE A 50 -14.37 -0.76 15.40
C ILE A 50 -14.77 -0.96 13.93
N VAL A 51 -14.17 -0.16 13.05
CA VAL A 51 -14.44 -0.26 11.62
C VAL A 51 -13.15 -0.36 10.82
N ARG A 52 -13.26 -0.80 9.58
CA ARG A 52 -12.11 -0.90 8.68
C ARG A 52 -12.22 0.13 7.55
N ILE A 53 -11.24 1.03 7.48
CA ILE A 53 -11.26 2.09 6.49
C ILE A 53 -10.80 1.58 5.12
N PHE A 54 -11.64 1.79 4.12
CA PHE A 54 -11.31 1.39 2.75
C PHE A 54 -10.91 2.60 1.90
N SER A 55 -9.66 2.61 1.46
CA SER A 55 -9.14 3.71 0.65
C SER A 55 -8.72 3.22 -0.73
N VAL A 56 -9.07 3.99 -1.75
CA VAL A 56 -8.74 3.64 -3.12
C VAL A 56 -7.88 4.71 -3.78
N ASN A 57 -6.70 4.32 -4.25
CA ASN A 57 -5.76 5.26 -4.84
C ASN A 57 -5.36 6.34 -3.85
N LYS A 58 -5.15 5.95 -2.60
CA LYS A 58 -4.86 6.89 -1.53
C LYS A 58 -5.99 7.89 -1.35
N GLU A 59 -7.19 7.39 -1.11
CA GLU A 59 -8.36 8.24 -0.94
C GLU A 59 -9.49 7.49 -0.24
N GLU A 60 -9.83 7.93 0.96
CA GLU A 60 -10.87 7.27 1.76
C GLU A 60 -12.19 7.22 0.99
N VAL A 61 -12.73 6.02 0.85
CA VAL A 61 -14.00 5.84 0.15
C VAL A 61 -15.12 5.52 1.13
N SER A 62 -14.92 4.49 1.95
CA SER A 62 -15.94 4.06 2.90
C SER A 62 -15.32 3.27 4.05
N ARG A 63 -16.16 2.84 4.99
CA ARG A 63 -15.69 2.07 6.14
C ARG A 63 -16.59 0.88 6.41
N GLU A 64 -16.00 -0.23 6.83
CA GLU A 64 -16.74 -1.45 7.09
C GLU A 64 -16.84 -1.73 8.58
N ILE A 65 -17.99 -2.23 9.02
CA ILE A 65 -18.22 -2.54 10.42
C ILE A 65 -17.53 -3.85 10.81
N VAL A 66 -16.67 -3.78 11.81
CA VAL A 66 -15.92 -4.96 12.27
C VAL A 66 -16.47 -5.47 13.59
N SER A 67 -16.55 -4.61 14.58
CA SER A 67 -16.99 -4.99 15.91
C SER A 67 -17.45 -3.77 16.72
N THR A 68 -18.67 -3.84 17.24
CA THR A 68 -19.20 -2.78 18.07
C THR A 68 -19.67 -3.32 19.43
N SER A 69 -19.66 -2.46 20.44
CA SER A 69 -20.09 -2.85 21.78
C SER A 69 -20.16 -1.65 22.70
N THR A 70 -21.18 -1.63 23.56
CA THR A 70 -21.37 -0.51 24.49
C THR A 70 -21.06 -0.94 25.92
N THR A 71 -20.13 -0.23 26.55
CA THR A 71 -19.82 -0.46 27.95
C THR A 71 -20.56 0.52 28.85
N ALA A 72 -21.43 -0.01 29.70
CA ALA A 72 -22.26 0.82 30.57
C ALA A 72 -21.42 1.55 31.61
N PRO A 73 -21.81 2.79 31.92
CA PRO A 73 -21.12 3.57 32.94
C PRO A 73 -21.47 3.07 34.34
N SER A 74 -20.69 3.52 35.33
CA SER A 74 -20.94 3.15 36.72
C SER A 74 -21.19 4.38 37.57
N PRO A 75 -22.46 4.69 37.80
CA PRO A 75 -22.84 5.81 38.66
C PRO A 75 -22.20 5.67 40.04
N ARG A 76 -21.71 6.79 40.57
CA ARG A 76 -21.06 6.80 41.87
C ARG A 76 -22.08 6.86 42.99
N ILE A 77 -22.11 5.82 43.83
CA ILE A 77 -23.03 5.75 44.95
C ILE A 77 -22.28 5.71 46.28
N VAL A 78 -22.54 6.70 47.13
CA VAL A 78 -21.86 6.79 48.42
C VAL A 78 -22.86 6.78 49.57
N GLU A 79 -22.58 5.98 50.59
CA GLU A 79 -23.45 5.90 51.76
C GLU A 79 -23.00 6.87 52.85
N LYS A 80 -23.97 7.44 53.55
CA LYS A 80 -23.69 8.35 54.65
C LYS A 80 -24.37 7.91 55.93
N GLY A 81 -23.58 7.61 56.95
CA GLY A 81 -24.10 7.08 58.21
C GLY A 81 -25.02 8.09 58.88
N THR A 82 -26.10 7.59 59.47
CA THR A 82 -27.06 8.44 60.17
C THR A 82 -27.75 7.69 61.30
N LYS A 83 -28.78 8.31 61.87
CA LYS A 83 -29.48 7.73 63.02
C LYS A 83 -30.99 7.74 62.80
N LYS A 84 -31.40 7.88 61.54
CA LYS A 84 -32.82 7.90 61.21
C LYS A 84 -33.44 6.53 61.33
#